data_2JJX
#
_entry.id   2JJX
#
_cell.length_a   87.300
_cell.length_b   87.300
_cell.length_c   383.900
_cell.angle_alpha   90.00
_cell.angle_beta   90.00
_cell.angle_gamma   120.00
#
_symmetry.space_group_name_H-M   'P 61 2 2'
#
loop_
_entity.id
_entity.type
_entity.pdbx_description
1 polymer 'URIDYLATE KINASE'
2 non-polymer "ADENOSINE-5'-TRIPHOSPHATE"
3 non-polymer 'MAGNESIUM ION'
4 water water
#
_entity_poly.entity_id   1
_entity_poly.type   'polypeptide(L)'
_entity_poly.pdbx_seq_one_letter_code
;MAHHHHHHMRPYKRVLIKLSGGALADQTGNSFNSKRLEHIANEILSIVDLGIEVSIVIGGGNIFRGHLAEEWGIDRVEAD
NIGTLGTIINSLMLRGVLTSKTNKEVRVMTSIPFNAVAEPYIRLRAVHHLDNGYIVIFGGGNGQPFVTTDYPSVQRAIEM
NSDAILVAKQGVDGVFTSDPKHNKSAKMYRKLNYNDVVRQNIQVMDQAALLLARDYNLPAHVFNFDEPGVMRRICLGEHV
GTLINDDASLLVHEK
;
_entity_poly.pdbx_strand_id   A,B,C
#
loop_
_chem_comp.id
_chem_comp.type
_chem_comp.name
_chem_comp.formula
ATP non-polymer ADENOSINE-5'-TRIPHOSPHATE 'C10 H16 N5 O13 P3'
MG non-polymer 'MAGNESIUM ION' 'Mg 2'
#
# COMPACT_ATOMS: atom_id res chain seq x y z
N ARG A 10 5.43 -19.59 -31.61
CA ARG A 10 6.58 -19.92 -30.78
C ARG A 10 6.17 -20.19 -29.32
N PRO A 11 7.11 -20.66 -28.49
CA PRO A 11 6.71 -20.90 -27.10
C PRO A 11 6.93 -19.61 -26.30
N TYR A 12 5.88 -19.15 -25.63
CA TYR A 12 5.99 -17.90 -24.88
C TYR A 12 6.06 -18.20 -23.39
N LYS A 13 6.83 -17.39 -22.68
CA LYS A 13 6.92 -17.53 -21.24
C LYS A 13 5.85 -16.67 -20.54
N ARG A 14 5.58 -15.48 -21.09
CA ARG A 14 4.63 -14.51 -20.51
C ARG A 14 3.59 -14.11 -21.54
N VAL A 15 2.35 -14.02 -21.10
CA VAL A 15 1.25 -13.80 -22.02
C VAL A 15 0.07 -12.98 -21.45
N LEU A 16 -0.57 -12.18 -22.27
CA LEU A 16 -1.73 -11.39 -21.85
C LEU A 16 -2.92 -11.93 -22.59
N ILE A 17 -3.95 -12.33 -21.85
CA ILE A 17 -5.15 -12.80 -22.48
C ILE A 17 -6.25 -11.74 -22.50
N LYS A 18 -6.73 -11.39 -23.69
CA LYS A 18 -7.81 -10.43 -23.78
C LYS A 18 -9.09 -11.18 -24.07
N LEU A 19 -10.03 -11.02 -23.13
CA LEU A 19 -11.32 -11.68 -23.12
C LEU A 19 -12.40 -10.60 -23.13
N SER A 20 -13.39 -10.76 -24.00
CA SER A 20 -14.51 -9.83 -24.03
C SER A 20 -15.49 -10.24 -22.94
N GLY A 21 -16.23 -9.28 -22.40
CA GLY A 21 -17.23 -9.54 -21.40
C GLY A 21 -18.31 -10.47 -21.89
N GLY A 22 -18.60 -10.43 -23.17
CA GLY A 22 -19.61 -11.27 -23.78
C GLY A 22 -19.36 -12.76 -23.67
N ALA A 23 -18.10 -13.14 -23.48
CA ALA A 23 -17.75 -14.55 -23.38
C ALA A 23 -18.16 -15.12 -22.02
N LEU A 24 -18.44 -14.27 -21.03
CA LEU A 24 -18.74 -14.77 -19.70
C LEU A 24 -20.20 -15.08 -19.59
N ALA A 25 -20.97 -14.56 -20.54
CA ALA A 25 -22.39 -14.79 -20.55
C ALA A 25 -22.75 -15.57 -21.80
N ASP A 26 -23.91 -16.20 -21.75
CA ASP A 26 -24.52 -16.76 -22.94
C ASP A 26 -24.99 -15.44 -23.58
N GLN A 27 -25.87 -15.51 -24.56
CA GLN A 27 -26.34 -14.28 -25.21
C GLN A 27 -27.73 -13.98 -24.71
N THR A 28 -28.49 -15.05 -24.48
CA THR A 28 -29.88 -14.99 -24.04
C THR A 28 -30.30 -13.77 -23.22
N GLY A 29 -30.41 -13.94 -21.91
CA GLY A 29 -30.80 -12.90 -20.97
C GLY A 29 -29.59 -12.01 -20.79
N ASN A 30 -28.69 -12.40 -19.87
CA ASN A 30 -27.39 -11.77 -19.70
C ASN A 30 -26.77 -11.98 -18.32
N SER A 31 -25.53 -11.51 -18.19
CA SER A 31 -24.74 -11.54 -16.96
C SER A 31 -23.66 -12.61 -17.04
N PHE A 32 -23.77 -13.61 -16.18
CA PHE A 32 -22.80 -14.68 -16.16
C PHE A 32 -23.46 -16.01 -16.42
N ASN A 33 -22.69 -16.92 -16.97
CA ASN A 33 -23.14 -18.26 -17.26
C ASN A 33 -22.03 -19.14 -16.70
N SER A 34 -22.36 -19.91 -15.67
CA SER A 34 -21.34 -20.75 -15.01
C SER A 34 -20.76 -21.85 -15.89
N LYS A 35 -21.45 -22.14 -16.99
CA LYS A 35 -20.91 -23.11 -17.92
C LYS A 35 -19.78 -22.42 -18.69
N ARG A 36 -20.05 -21.19 -19.12
CA ARG A 36 -19.08 -20.32 -19.79
C ARG A 36 -17.92 -19.95 -18.88
N LEU A 37 -18.21 -19.57 -17.63
CA LEU A 37 -17.16 -19.25 -16.67
C LEU A 37 -16.22 -20.44 -16.45
N GLU A 38 -16.78 -21.66 -16.51
CA GLU A 38 -16.00 -22.88 -16.30
C GLU A 38 -15.09 -23.13 -17.50
N HIS A 39 -15.63 -22.89 -18.69
CA HIS A 39 -14.85 -23.02 -19.91
C HIS A 39 -13.65 -22.07 -19.81
N ILE A 40 -13.92 -20.80 -19.53
CA ILE A 40 -12.88 -19.78 -19.42
C ILE A 40 -11.81 -20.16 -18.40
N ALA A 41 -12.23 -20.66 -17.25
CA ALA A 41 -11.28 -21.02 -16.20
C ALA A 41 -10.35 -22.13 -16.71
N ASN A 42 -10.94 -23.13 -17.36
CA ASN A 42 -10.20 -24.30 -17.80
C ASN A 42 -9.18 -23.96 -18.88
N GLU A 43 -9.61 -23.15 -19.84
CA GLU A 43 -8.72 -22.69 -20.90
C GLU A 43 -7.56 -21.89 -20.33
N ILE A 44 -7.84 -21.12 -19.27
CA ILE A 44 -6.80 -20.29 -18.67
C ILE A 44 -5.81 -21.13 -17.90
N LEU A 45 -6.32 -22.16 -17.23
CA LEU A 45 -5.49 -23.01 -16.39
C LEU A 45 -4.62 -23.91 -17.24
N SER A 46 -5.17 -24.38 -18.34
CA SER A 46 -4.41 -25.16 -19.31
C SER A 46 -3.08 -24.49 -19.66
N ILE A 47 -3.11 -23.18 -19.85
CA ILE A 47 -1.91 -22.39 -20.17
C ILE A 47 -0.96 -22.21 -18.99
N VAL A 48 -1.51 -21.87 -17.83
CA VAL A 48 -0.66 -21.69 -16.65
C VAL A 48 -0.03 -23.00 -16.18
N ASP A 49 -0.76 -24.08 -16.40
CA ASP A 49 -0.29 -25.41 -16.05
C ASP A 49 1.03 -25.73 -16.75
N LEU A 50 1.31 -25.02 -17.84
CA LEU A 50 2.60 -25.14 -18.53
C LEU A 50 3.56 -24.09 -17.92
N GLY A 51 3.16 -23.46 -16.82
CA GLY A 51 4.04 -22.55 -16.13
C GLY A 51 4.34 -21.32 -16.95
N ILE A 52 3.42 -21.03 -17.87
CA ILE A 52 3.45 -19.80 -18.64
C ILE A 52 2.80 -18.78 -17.71
N GLU A 53 3.36 -17.57 -17.65
CA GLU A 53 2.76 -16.54 -16.82
C GLU A 53 1.65 -15.76 -17.50
N VAL A 54 0.50 -15.72 -16.84
CA VAL A 54 -0.71 -15.14 -17.37
C VAL A 54 -1.20 -13.84 -16.73
N SER A 55 -1.62 -12.90 -17.57
CA SER A 55 -2.32 -11.67 -17.14
C SER A 55 -3.61 -11.74 -17.91
N ILE A 56 -4.70 -11.20 -17.38
CA ILE A 56 -5.98 -11.23 -18.08
C ILE A 56 -6.65 -9.88 -18.09
N VAL A 57 -7.21 -9.49 -19.23
CA VAL A 57 -7.97 -8.24 -19.36
C VAL A 57 -9.38 -8.58 -19.88
N ILE A 58 -10.39 -8.29 -19.08
CA ILE A 58 -11.79 -8.60 -19.47
C ILE A 58 -12.55 -7.31 -19.82
N GLY A 59 -13.51 -7.44 -20.73
CA GLY A 59 -14.38 -6.34 -21.08
C GLY A 59 -15.60 -6.36 -20.18
N GLY A 60 -16.44 -5.31 -20.22
CA GLY A 60 -17.62 -5.28 -19.38
C GLY A 60 -18.91 -5.44 -20.12
N GLY A 61 -18.82 -6.00 -21.31
CA GLY A 61 -19.96 -6.12 -22.20
C GLY A 61 -21.21 -6.90 -21.78
N ASN A 62 -21.03 -7.89 -20.91
CA ASN A 62 -22.13 -8.74 -20.48
C ASN A 62 -22.93 -8.00 -19.44
N ILE A 63 -22.49 -6.81 -19.05
CA ILE A 63 -23.20 -6.03 -18.04
C ILE A 63 -23.78 -4.76 -18.63
N PHE A 64 -22.93 -4.03 -19.36
CA PHE A 64 -23.31 -2.74 -19.91
C PHE A 64 -22.80 -2.50 -21.32
N ARG A 65 -23.68 -1.90 -22.13
CA ARG A 65 -23.38 -1.56 -23.52
C ARG A 65 -23.92 -0.19 -23.90
N GLY A 66 -23.22 0.50 -24.79
CA GLY A 66 -23.60 1.81 -25.30
C GLY A 66 -24.99 1.85 -25.89
N HIS A 67 -25.57 0.67 -26.08
CA HIS A 67 -26.92 0.59 -26.61
C HIS A 67 -27.89 1.45 -25.78
N LEU A 68 -27.66 1.53 -24.48
CA LEU A 68 -28.48 2.33 -23.59
C LEU A 68 -28.05 3.75 -23.65
N ALA A 69 -26.79 3.96 -23.26
CA ALA A 69 -26.16 5.28 -23.20
C ALA A 69 -26.74 6.20 -24.26
N GLU A 70 -26.84 5.68 -25.48
CA GLU A 70 -27.43 6.41 -26.60
C GLU A 70 -28.90 6.67 -26.30
N GLU A 71 -29.59 5.62 -25.85
CA GLU A 71 -31.02 5.69 -25.57
C GLU A 71 -31.36 6.84 -24.63
N TRP A 72 -30.50 7.06 -23.64
CA TRP A 72 -30.76 8.11 -22.68
C TRP A 72 -29.75 9.23 -22.81
N GLY A 73 -29.00 9.22 -23.91
CA GLY A 73 -28.01 10.23 -24.24
C GLY A 73 -27.03 10.53 -23.12
N ILE A 74 -26.39 9.48 -22.60
CA ILE A 74 -25.39 9.67 -21.55
C ILE A 74 -24.08 10.00 -22.24
N ASP A 75 -23.42 11.05 -21.75
CA ASP A 75 -22.12 11.42 -22.31
C ASP A 75 -21.20 10.22 -22.46
N ARG A 76 -20.63 10.10 -23.66
CA ARG A 76 -19.69 9.03 -23.96
C ARG A 76 -18.65 8.78 -22.86
N VAL A 77 -18.10 9.84 -22.29
CA VAL A 77 -17.18 9.68 -21.18
C VAL A 77 -17.87 9.04 -19.97
N GLU A 78 -19.15 9.35 -19.79
CA GLU A 78 -19.91 8.81 -18.66
C GLU A 78 -20.25 7.35 -18.85
N ALA A 79 -20.71 7.04 -20.05
CA ALA A 79 -21.00 5.66 -20.43
C ALA A 79 -19.78 4.75 -20.23
N ASP A 80 -18.61 5.24 -20.58
CA ASP A 80 -17.41 4.45 -20.45
C ASP A 80 -17.09 4.14 -19.00
N ASN A 81 -17.29 5.14 -18.15
CA ASN A 81 -17.04 4.99 -16.71
C ASN A 81 -17.90 3.89 -16.16
N ILE A 82 -19.12 3.77 -16.67
CA ILE A 82 -20.04 2.73 -16.23
C ILE A 82 -19.54 1.41 -16.74
N GLY A 83 -19.20 1.39 -18.03
CA GLY A 83 -18.68 0.22 -18.71
C GLY A 83 -17.46 -0.34 -18.02
N THR A 84 -16.64 0.55 -17.48
CA THR A 84 -15.41 0.23 -16.75
C THR A 84 -15.67 -0.50 -15.43
N LEU A 85 -16.75 -0.12 -14.76
CA LEU A 85 -17.09 -0.75 -13.48
C LEU A 85 -17.46 -2.20 -13.79
N GLY A 86 -17.98 -2.43 -15.00
CA GLY A 86 -18.33 -3.75 -15.48
C GLY A 86 -17.13 -4.70 -15.51
N THR A 87 -16.00 -4.19 -16.01
CA THR A 87 -14.77 -4.97 -16.14
C THR A 87 -14.28 -5.40 -14.77
N ILE A 88 -14.47 -4.56 -13.75
CA ILE A 88 -14.00 -4.85 -12.39
C ILE A 88 -14.84 -5.95 -11.75
N ILE A 89 -16.13 -5.90 -12.04
CA ILE A 89 -17.09 -6.88 -11.54
C ILE A 89 -16.70 -8.24 -12.13
N ASN A 90 -16.45 -8.28 -13.44
CA ASN A 90 -16.06 -9.51 -14.12
C ASN A 90 -14.71 -10.02 -13.61
N SER A 91 -13.80 -9.11 -13.34
CA SER A 91 -12.49 -9.48 -12.84
C SER A 91 -12.66 -10.24 -11.52
N LEU A 92 -13.43 -9.63 -10.63
CA LEU A 92 -13.70 -10.20 -9.32
C LEU A 92 -14.37 -11.56 -9.41
N MET A 93 -15.43 -11.67 -10.21
CA MET A 93 -16.04 -12.98 -10.49
C MET A 93 -14.98 -13.96 -10.95
N LEU A 94 -14.45 -13.77 -12.15
CA LEU A 94 -13.36 -14.57 -12.71
C LEU A 94 -12.35 -15.04 -11.66
N ARG A 95 -11.96 -14.13 -10.76
CA ARG A 95 -11.02 -14.51 -9.73
C ARG A 95 -11.64 -15.58 -8.83
N GLY A 96 -12.89 -15.38 -8.42
CA GLY A 96 -13.56 -16.37 -7.61
C GLY A 96 -13.49 -17.73 -8.28
N VAL A 97 -13.95 -17.78 -9.52
CA VAL A 97 -13.95 -18.99 -10.32
C VAL A 97 -12.56 -19.62 -10.37
N LEU A 98 -11.57 -18.81 -10.71
CA LEU A 98 -10.21 -19.31 -10.83
C LEU A 98 -9.70 -19.89 -9.53
N THR A 99 -9.97 -19.22 -8.41
CA THR A 99 -9.54 -19.67 -7.09
C THR A 99 -10.09 -21.05 -6.75
N SER A 100 -11.36 -21.26 -7.08
CA SER A 100 -12.02 -22.52 -6.81
C SER A 100 -11.31 -23.71 -7.49
N LYS A 101 -10.68 -23.47 -8.63
CA LYS A 101 -10.04 -24.54 -9.40
C LYS A 101 -8.54 -24.64 -9.34
N THR A 102 -7.89 -23.57 -8.88
CA THR A 102 -6.43 -23.56 -8.82
C THR A 102 -5.97 -23.39 -7.39
N ASN A 103 -4.67 -23.59 -7.18
CA ASN A 103 -4.10 -23.43 -5.86
C ASN A 103 -3.24 -22.20 -5.99
N LYS A 104 -3.01 -21.83 -7.26
CA LYS A 104 -2.18 -20.69 -7.60
C LYS A 104 -2.81 -19.44 -7.01
N GLU A 105 -2.00 -18.40 -6.85
CA GLU A 105 -2.49 -17.13 -6.37
C GLU A 105 -2.94 -16.37 -7.60
N VAL A 106 -4.10 -15.72 -7.48
CA VAL A 106 -4.63 -14.91 -8.56
C VAL A 106 -4.94 -13.54 -7.98
N ARG A 107 -4.35 -12.49 -8.56
CA ARG A 107 -4.52 -11.14 -8.04
C ARG A 107 -5.31 -10.23 -8.95
N VAL A 108 -6.30 -9.53 -8.40
CA VAL A 108 -7.06 -8.56 -9.18
C VAL A 108 -6.50 -7.18 -8.91
N MET A 109 -6.08 -6.47 -9.96
CA MET A 109 -5.53 -5.13 -9.82
C MET A 109 -6.36 -4.16 -10.64
N THR A 110 -6.74 -3.03 -10.04
CA THR A 110 -7.58 -2.03 -10.70
C THR A 110 -6.85 -0.75 -11.07
N SER A 111 -7.37 -0.06 -12.08
CA SER A 111 -6.77 1.18 -12.55
C SER A 111 -7.44 2.35 -11.83
N ILE A 112 -8.46 1.98 -11.07
CA ILE A 112 -9.19 2.89 -10.21
C ILE A 112 -9.14 2.23 -8.83
N PRO A 113 -8.09 2.55 -8.04
CA PRO A 113 -7.90 1.87 -6.76
C PRO A 113 -9.16 1.86 -5.91
N PHE A 114 -9.68 0.65 -5.73
CA PHE A 114 -10.93 0.46 -5.00
C PHE A 114 -10.54 -0.01 -3.61
N ASN A 115 -9.38 -0.64 -3.50
CA ASN A 115 -8.86 -1.11 -2.22
C ASN A 115 -9.92 -1.90 -1.45
N ALA A 116 -9.46 -2.91 -0.72
CA ALA A 116 -10.36 -3.74 0.04
C ALA A 116 -11.49 -4.27 -0.84
N VAL A 117 -11.23 -4.27 -2.14
CA VAL A 117 -12.12 -4.84 -3.16
C VAL A 117 -11.16 -5.47 -4.17
N ALA A 118 -10.07 -4.76 -4.44
CA ALA A 118 -8.97 -5.24 -5.28
C ALA A 118 -7.72 -4.41 -4.97
N GLU A 119 -6.56 -4.82 -5.45
CA GLU A 119 -5.36 -4.03 -5.22
C GLU A 119 -5.24 -2.89 -6.21
N PRO A 120 -4.81 -1.72 -5.71
CA PRO A 120 -4.59 -0.65 -6.68
C PRO A 120 -3.48 -1.11 -7.63
N TYR A 121 -3.67 -0.84 -8.90
CA TYR A 121 -2.71 -1.32 -9.88
C TYR A 121 -1.40 -0.58 -9.79
N ILE A 122 -0.33 -1.33 -9.63
CA ILE A 122 1.02 -0.78 -9.64
C ILE A 122 1.90 -1.70 -10.48
N ARG A 123 2.54 -1.10 -11.46
CA ARG A 123 3.28 -1.82 -12.46
C ARG A 123 4.25 -2.85 -11.92
N LEU A 124 5.30 -2.36 -11.29
CA LEU A 124 6.33 -3.23 -10.77
C LEU A 124 5.82 -4.29 -9.80
N ARG A 125 4.67 -4.02 -9.18
CA ARG A 125 4.02 -5.01 -8.32
C ARG A 125 3.40 -6.09 -9.20
N ALA A 126 2.87 -5.66 -10.33
CA ALA A 126 2.18 -6.59 -11.22
C ALA A 126 3.20 -7.50 -11.84
N VAL A 127 4.34 -6.91 -12.19
CA VAL A 127 5.41 -7.65 -12.83
C VAL A 127 5.94 -8.69 -11.88
N HIS A 128 6.13 -8.25 -10.64
CA HIS A 128 6.58 -9.06 -9.53
C HIS A 128 5.70 -10.27 -9.28
N HIS A 129 4.41 -10.02 -9.12
CA HIS A 129 3.44 -11.07 -8.94
C HIS A 129 3.64 -12.11 -10.03
N LEU A 130 3.58 -11.65 -11.27
CA LEU A 130 3.74 -12.48 -12.47
C LEU A 130 5.01 -13.33 -12.39
N ASP A 131 6.08 -12.66 -12.00
CA ASP A 131 7.38 -13.28 -11.74
C ASP A 131 7.29 -14.36 -10.66
N ASN A 132 6.49 -14.11 -9.63
CA ASN A 132 6.23 -15.10 -8.58
C ASN A 132 5.17 -16.14 -8.96
N GLY A 133 4.88 -16.25 -10.25
CA GLY A 133 3.93 -17.25 -10.71
C GLY A 133 2.45 -17.02 -10.43
N TYR A 134 2.06 -15.82 -10.00
CA TYR A 134 0.65 -15.56 -9.76
C TYR A 134 -0.12 -15.38 -11.07
N ILE A 135 -1.43 -15.47 -10.99
CA ILE A 135 -2.28 -15.12 -12.11
C ILE A 135 -2.78 -13.72 -11.79
N VAL A 136 -2.58 -12.79 -12.73
CA VAL A 136 -3.05 -11.44 -12.51
C VAL A 136 -4.14 -10.98 -13.44
N ILE A 137 -5.17 -10.37 -12.85
CA ILE A 137 -6.30 -9.86 -13.60
C ILE A 137 -6.36 -8.36 -13.49
N PHE A 138 -6.52 -7.72 -14.64
CA PHE A 138 -6.60 -6.29 -14.72
C PHE A 138 -8.02 -5.84 -15.03
N GLY A 139 -8.56 -5.02 -14.12
CA GLY A 139 -9.89 -4.46 -14.23
C GLY A 139 -9.86 -2.96 -14.35
N GLY A 140 -10.90 -2.38 -14.93
CA GLY A 140 -11.01 -0.94 -15.12
C GLY A 140 -10.11 -0.48 -16.25
N GLY A 141 -9.81 -1.39 -17.15
CA GLY A 141 -8.92 -1.12 -18.26
C GLY A 141 -7.72 -0.20 -18.03
N ASN A 142 -7.84 1.01 -18.54
CA ASN A 142 -6.80 2.00 -18.69
C ASN A 142 -7.11 3.16 -17.75
N GLY A 143 -8.38 3.27 -17.37
CA GLY A 143 -8.88 4.43 -16.64
C GLY A 143 -9.36 5.50 -17.61
N GLN A 144 -8.95 5.41 -18.87
CA GLN A 144 -9.30 6.40 -19.91
C GLN A 144 -10.55 6.11 -20.75
N PRO A 145 -11.14 7.16 -21.32
CA PRO A 145 -12.35 7.15 -22.15
C PRO A 145 -12.03 7.02 -23.64
N PHE A 146 -13.04 6.94 -24.47
CA PHE A 146 -12.82 6.91 -25.91
C PHE A 146 -12.08 5.67 -26.34
N VAL A 147 -11.79 4.77 -25.41
CA VAL A 147 -11.02 3.58 -25.76
C VAL A 147 -11.76 2.30 -25.41
N THR A 148 -11.45 1.26 -26.16
CA THR A 148 -12.05 -0.07 -26.03
C THR A 148 -11.12 -0.92 -25.15
N THR A 149 -11.58 -2.13 -24.88
CA THR A 149 -10.79 -3.12 -24.15
C THR A 149 -9.48 -3.43 -24.87
N ASP A 150 -9.48 -3.40 -26.20
CA ASP A 150 -8.32 -3.79 -27.01
C ASP A 150 -7.08 -3.03 -26.60
N TYR A 151 -7.18 -1.70 -26.63
CA TYR A 151 -6.04 -0.81 -26.38
C TYR A 151 -5.34 -0.98 -25.05
N PRO A 152 -6.10 -0.85 -23.94
CA PRO A 152 -5.49 -1.02 -22.62
C PRO A 152 -4.86 -2.37 -22.41
N SER A 153 -5.39 -3.34 -23.12
CA SER A 153 -4.96 -4.71 -22.91
C SER A 153 -3.62 -4.86 -23.59
N VAL A 154 -3.42 -4.17 -24.72
CA VAL A 154 -2.10 -4.23 -25.34
C VAL A 154 -1.10 -3.39 -24.56
N GLN A 155 -1.62 -2.31 -23.99
CA GLN A 155 -0.76 -1.41 -23.22
C GLN A 155 -0.25 -2.14 -22.00
N ARG A 156 -1.13 -2.79 -21.24
CA ARG A 156 -0.75 -3.65 -20.12
C ARG A 156 0.16 -4.84 -20.53
N ALA A 157 -0.06 -5.39 -21.72
CA ALA A 157 0.81 -6.47 -22.20
C ALA A 157 2.25 -5.95 -22.28
N ILE A 158 2.45 -4.85 -23.01
CA ILE A 158 3.77 -4.25 -23.15
C ILE A 158 4.36 -3.89 -21.78
N GLU A 159 3.58 -3.22 -20.96
CA GLU A 159 4.03 -2.84 -19.61
C GLU A 159 4.54 -4.06 -18.83
N MET A 160 3.93 -5.21 -19.10
CA MET A 160 4.22 -6.39 -18.33
C MET A 160 5.32 -7.24 -18.99
N ASN A 161 5.82 -6.76 -20.12
CA ASN A 161 6.93 -7.40 -20.83
C ASN A 161 6.40 -8.72 -21.31
N SER A 162 5.17 -8.71 -21.80
CA SER A 162 4.56 -9.92 -22.30
C SER A 162 5.20 -10.36 -23.62
N ASP A 163 5.12 -11.66 -23.90
CA ASP A 163 5.73 -12.20 -25.12
C ASP A 163 4.73 -12.15 -26.28
N ALA A 164 3.43 -12.13 -25.94
CA ALA A 164 2.37 -12.14 -26.92
C ALA A 164 1.04 -11.72 -26.28
N ILE A 165 0.09 -11.28 -27.10
CA ILE A 165 -1.24 -10.97 -26.60
C ILE A 165 -2.20 -11.90 -27.31
N LEU A 166 -2.90 -12.75 -26.57
CA LEU A 166 -3.84 -13.65 -27.18
C LEU A 166 -5.22 -13.03 -27.07
N VAL A 167 -5.77 -12.65 -28.21
CA VAL A 167 -7.08 -12.03 -28.26
C VAL A 167 -8.15 -13.05 -28.60
N ALA A 168 -8.77 -13.58 -27.56
CA ALA A 168 -9.80 -14.58 -27.71
C ALA A 168 -11.09 -14.03 -28.33
N LYS A 169 -11.51 -14.68 -29.41
CA LYS A 169 -12.75 -14.34 -30.10
C LYS A 169 -13.73 -15.49 -29.89
N GLN A 170 -15.02 -15.20 -30.02
CA GLN A 170 -16.05 -16.23 -29.93
C GLN A 170 -16.70 -16.43 -31.30
N GLY A 171 -16.64 -17.67 -31.79
CA GLY A 171 -17.22 -18.07 -33.06
C GLY A 171 -16.31 -18.04 -34.29
N VAL A 172 -15.56 -16.95 -34.45
CA VAL A 172 -14.67 -16.77 -35.59
C VAL A 172 -13.23 -17.20 -35.32
N ASP A 173 -12.75 -18.21 -36.06
CA ASP A 173 -11.44 -18.82 -35.82
C ASP A 173 -10.20 -18.00 -36.21
N GLY A 174 -10.38 -16.74 -36.62
CA GLY A 174 -9.24 -15.91 -37.02
C GLY A 174 -9.56 -14.58 -37.71
N VAL A 175 -8.66 -14.11 -38.55
CA VAL A 175 -8.88 -12.87 -39.29
C VAL A 175 -8.97 -13.16 -40.78
N PHE A 176 -10.13 -12.83 -41.33
CA PHE A 176 -10.41 -13.12 -42.74
C PHE A 176 -10.29 -11.91 -43.63
N THR A 177 -10.20 -12.19 -44.92
CA THR A 177 -10.05 -11.17 -45.93
C THR A 177 -11.24 -10.21 -45.81
N SER A 178 -12.45 -10.79 -45.86
CA SER A 178 -13.72 -10.07 -45.68
C SER A 178 -14.66 -10.97 -44.89
N ASP A 179 -15.41 -10.40 -43.94
CA ASP A 179 -16.29 -11.17 -43.05
C ASP A 179 -17.09 -12.25 -43.78
N PRO A 180 -17.01 -13.49 -43.29
CA PRO A 180 -17.55 -14.72 -43.87
C PRO A 180 -19.05 -15.04 -43.78
N LYS A 181 -19.82 -14.21 -43.07
CA LYS A 181 -21.27 -14.42 -43.00
C LYS A 181 -21.61 -14.23 -44.45
N HIS A 182 -21.23 -13.05 -44.90
CA HIS A 182 -21.34 -12.63 -46.29
C HIS A 182 -20.37 -13.47 -47.16
N ASN A 183 -19.15 -12.97 -47.24
CA ASN A 183 -18.12 -13.38 -48.16
C ASN A 183 -17.69 -14.80 -48.42
N LYS A 184 -18.68 -15.69 -48.43
CA LYS A 184 -18.59 -17.10 -48.85
C LYS A 184 -17.28 -17.69 -49.32
N SER A 185 -16.43 -16.87 -49.92
CA SER A 185 -15.08 -17.28 -50.26
C SER A 185 -14.10 -16.23 -49.74
N ALA A 186 -14.25 -15.90 -48.47
CA ALA A 186 -13.32 -15.04 -47.76
C ALA A 186 -12.27 -16.04 -47.27
N LYS A 187 -11.05 -15.60 -47.03
CA LYS A 187 -10.00 -16.51 -46.56
C LYS A 187 -9.38 -16.03 -45.25
N MET A 188 -8.86 -16.97 -44.45
CA MET A 188 -8.31 -16.61 -43.16
C MET A 188 -6.80 -16.52 -43.27
N TYR A 189 -6.23 -15.47 -42.68
CA TYR A 189 -4.79 -15.28 -42.71
C TYR A 189 -4.12 -16.19 -41.71
N ARG A 190 -3.03 -16.81 -42.13
CA ARG A 190 -2.26 -17.63 -41.22
C ARG A 190 -1.44 -16.56 -40.49
N LYS A 191 -0.98 -15.60 -41.27
CA LYS A 191 -0.17 -14.50 -40.75
C LYS A 191 -0.70 -13.19 -41.32
N LEU A 192 -0.59 -12.14 -40.52
CA LEU A 192 -1.09 -10.82 -40.87
C LEU A 192 -0.11 -9.73 -40.43
N ASN A 193 0.33 -8.90 -41.36
CA ASN A 193 1.22 -7.82 -41.04
C ASN A 193 0.39 -6.73 -40.39
N TYR A 194 1.03 -5.95 -39.55
CA TYR A 194 0.36 -4.80 -38.94
C TYR A 194 -0.01 -3.84 -40.08
N ASN A 195 0.98 -3.09 -40.55
CA ASN A 195 0.80 -2.16 -41.65
C ASN A 195 -0.19 -2.57 -42.74
N ASP A 196 -0.28 -3.88 -43.00
CA ASP A 196 -1.26 -4.42 -43.94
C ASP A 196 -2.68 -4.34 -43.36
N VAL A 197 -2.84 -4.65 -42.08
CA VAL A 197 -4.16 -4.59 -41.48
C VAL A 197 -4.73 -3.20 -41.55
N VAL A 198 -3.88 -2.19 -41.38
CA VAL A 198 -4.35 -0.81 -41.42
C VAL A 198 -4.57 -0.35 -42.86
N ARG A 199 -3.66 -0.77 -43.73
CA ARG A 199 -3.72 -0.46 -45.16
C ARG A 199 -5.08 -0.88 -45.68
N GLN A 200 -5.31 -2.19 -45.65
CA GLN A 200 -6.56 -2.73 -46.16
C GLN A 200 -7.68 -2.50 -45.15
N ASN A 201 -7.49 -1.49 -44.31
CA ASN A 201 -8.47 -1.14 -43.29
C ASN A 201 -9.24 -2.38 -42.85
N ILE A 202 -8.56 -3.27 -42.12
CA ILE A 202 -9.19 -4.48 -41.61
C ILE A 202 -9.70 -4.12 -40.22
N GLN A 203 -10.92 -4.54 -39.91
CA GLN A 203 -11.53 -4.15 -38.65
C GLN A 203 -11.65 -5.36 -37.74
N VAL A 204 -10.56 -5.62 -37.04
CA VAL A 204 -10.40 -6.79 -36.19
C VAL A 204 -10.18 -6.39 -34.74
N MET A 205 -9.36 -5.35 -34.57
CA MET A 205 -9.04 -4.78 -33.28
C MET A 205 -8.73 -3.29 -33.50
N ASP A 206 -8.96 -2.46 -32.49
CA ASP A 206 -8.68 -1.03 -32.56
C ASP A 206 -7.43 -0.74 -33.40
N GLN A 207 -7.50 0.30 -34.23
CA GLN A 207 -6.30 0.77 -34.91
C GLN A 207 -5.28 1.15 -33.84
N ALA A 208 -5.72 1.94 -32.86
CA ALA A 208 -4.81 2.43 -31.81
C ALA A 208 -4.09 1.30 -31.09
N ALA A 209 -4.80 0.19 -30.89
CA ALA A 209 -4.23 -0.95 -30.17
C ALA A 209 -3.24 -1.67 -31.07
N LEU A 210 -3.58 -1.72 -32.35
CA LEU A 210 -2.79 -2.31 -33.42
C LEU A 210 -1.48 -1.58 -33.61
N LEU A 211 -1.55 -0.26 -33.65
CA LEU A 211 -0.39 0.59 -33.87
C LEU A 211 0.58 0.43 -32.72
N LEU A 212 0.06 0.39 -31.51
CA LEU A 212 0.85 0.28 -30.29
C LEU A 212 1.63 -1.00 -30.34
N ALA A 213 0.90 -2.09 -30.50
CA ALA A 213 1.47 -3.40 -30.59
C ALA A 213 2.52 -3.43 -31.70
N ARG A 214 2.24 -2.74 -32.81
CA ARG A 214 3.17 -2.72 -33.95
C ARG A 214 4.42 -1.93 -33.60
N ASP A 215 4.25 -0.84 -32.86
CA ASP A 215 5.38 -0.02 -32.44
C ASP A 215 6.30 -0.71 -31.45
N TYR A 216 5.73 -1.54 -30.57
CA TYR A 216 6.52 -2.22 -29.55
C TYR A 216 6.78 -3.67 -29.91
N ASN A 217 6.35 -4.09 -31.08
CA ASN A 217 6.55 -5.45 -31.51
C ASN A 217 5.73 -6.57 -30.86
N LEU A 218 4.71 -6.23 -30.09
CA LEU A 218 3.87 -7.25 -29.47
C LEU A 218 3.18 -8.06 -30.55
N PRO A 219 3.28 -9.37 -30.44
CA PRO A 219 2.57 -10.18 -31.43
C PRO A 219 1.16 -10.44 -30.88
N ALA A 220 0.18 -10.56 -31.76
CA ALA A 220 -1.17 -10.84 -31.32
C ALA A 220 -1.69 -12.11 -31.96
N HIS A 221 -2.53 -12.85 -31.23
CA HIS A 221 -3.17 -14.02 -31.79
C HIS A 221 -4.67 -13.88 -31.71
N VAL A 222 -5.34 -13.96 -32.84
CA VAL A 222 -6.79 -13.91 -32.87
C VAL A 222 -7.27 -15.32 -33.18
N PHE A 223 -8.15 -15.84 -32.34
CA PHE A 223 -8.53 -17.24 -32.48
C PHE A 223 -9.85 -17.52 -31.80
N ASN A 224 -10.36 -18.73 -31.97
CA ASN A 224 -11.65 -19.15 -31.40
C ASN A 224 -11.51 -19.61 -29.95
N PHE A 225 -11.84 -18.75 -28.99
CA PHE A 225 -11.71 -19.14 -27.58
C PHE A 225 -12.70 -20.27 -27.28
N ASP A 226 -13.85 -20.23 -27.97
CA ASP A 226 -14.92 -21.19 -27.78
C ASP A 226 -14.56 -22.62 -28.11
N GLU A 227 -13.39 -22.82 -28.74
CA GLU A 227 -12.90 -24.14 -29.10
C GLU A 227 -11.86 -24.69 -28.14
N PRO A 228 -12.21 -25.71 -27.37
CA PRO A 228 -11.31 -26.28 -26.38
C PRO A 228 -9.92 -26.57 -26.96
N GLY A 229 -8.88 -26.35 -26.17
CA GLY A 229 -7.51 -26.62 -26.54
C GLY A 229 -6.78 -25.53 -27.27
N VAL A 230 -7.45 -24.84 -28.18
CA VAL A 230 -6.73 -23.94 -29.05
C VAL A 230 -5.76 -22.92 -28.47
N MET A 231 -6.04 -22.42 -27.28
CA MET A 231 -5.15 -21.44 -26.64
C MET A 231 -3.85 -22.09 -26.18
N ARG A 232 -3.89 -23.40 -25.96
CA ARG A 232 -2.74 -24.17 -25.50
C ARG A 232 -1.89 -24.47 -26.72
N ARG A 233 -2.57 -24.86 -27.80
CA ARG A 233 -1.94 -25.13 -29.09
C ARG A 233 -1.13 -23.92 -29.54
N ILE A 234 -1.74 -22.76 -29.45
CA ILE A 234 -1.05 -21.53 -29.81
C ILE A 234 0.23 -21.34 -29.01
N CYS A 235 0.13 -21.55 -27.69
CA CYS A 235 1.25 -21.38 -26.79
C CYS A 235 2.27 -22.47 -26.96
N LEU A 236 1.81 -23.63 -27.42
CA LEU A 236 2.67 -24.78 -27.72
C LEU A 236 3.44 -24.64 -29.03
N GLY A 237 3.24 -23.54 -29.76
CA GLY A 237 3.92 -23.31 -31.02
C GLY A 237 3.07 -23.61 -32.24
N GLU A 238 1.90 -24.22 -32.06
CA GLU A 238 1.06 -24.53 -33.21
C GLU A 238 0.58 -23.31 -33.99
N HIS A 239 0.16 -23.55 -35.22
CA HIS A 239 -0.35 -22.48 -36.06
C HIS A 239 -1.85 -22.65 -36.27
N VAL A 240 -2.62 -22.10 -35.33
CA VAL A 240 -4.07 -22.13 -35.38
C VAL A 240 -4.54 -20.71 -35.19
N GLY A 241 -5.66 -20.34 -35.80
CA GLY A 241 -6.13 -18.96 -35.73
C GLY A 241 -5.21 -18.06 -36.56
N THR A 242 -5.23 -16.76 -36.29
CA THR A 242 -4.41 -15.78 -37.04
C THR A 242 -3.29 -15.19 -36.16
N LEU A 243 -2.13 -14.94 -36.74
CA LEU A 243 -1.00 -14.34 -36.01
C LEU A 243 -0.65 -13.00 -36.60
N ILE A 244 -0.85 -11.92 -35.85
CA ILE A 244 -0.51 -10.58 -36.32
C ILE A 244 0.91 -10.17 -35.92
N ASN A 245 1.73 -9.92 -36.91
CA ASN A 245 3.16 -9.83 -36.78
C ASN A 245 3.68 -8.67 -37.63
N ASP A 246 5.01 -8.60 -37.71
CA ASP A 246 5.63 -7.73 -38.69
C ASP A 246 6.31 -8.58 -39.73
N ASP A 247 6.06 -9.88 -39.67
CA ASP A 247 6.50 -10.86 -40.69
C ASP A 247 5.75 -10.41 -41.94
N ALA A 248 5.63 -11.24 -42.97
CA ALA A 248 4.85 -10.83 -44.14
C ALA A 248 3.67 -11.73 -44.39
N SER A 249 2.51 -11.11 -44.60
CA SER A 249 1.23 -11.80 -44.62
C SER A 249 1.16 -13.09 -45.40
N LEU A 250 0.56 -14.10 -44.78
CA LEU A 250 0.34 -15.40 -45.41
C LEU A 250 -1.15 -15.61 -45.54
N LEU A 251 -1.59 -16.87 -45.57
CA LEU A 251 -3.00 -17.14 -45.78
C LEU A 251 -3.26 -18.65 -45.75
N VAL A 252 -4.19 -19.10 -44.92
CA VAL A 252 -4.52 -20.53 -44.85
C VAL A 252 -4.71 -21.08 -46.27
N HIS A 253 -4.67 -22.40 -46.45
CA HIS A 253 -4.81 -22.97 -47.79
C HIS A 253 -5.81 -24.14 -47.82
N ARG B 10 -14.81 -23.87 23.82
CA ARG B 10 -13.88 -24.58 22.94
C ARG B 10 -12.45 -24.03 23.13
N PRO B 11 -11.45 -24.69 22.50
CA PRO B 11 -10.09 -24.14 22.48
C PRO B 11 -10.05 -23.34 21.18
N TYR B 12 -9.92 -22.03 21.30
CA TYR B 12 -10.00 -21.19 20.12
C TYR B 12 -8.67 -21.03 19.42
N LYS B 13 -8.70 -20.87 18.11
CA LYS B 13 -7.47 -20.67 17.35
C LYS B 13 -7.31 -19.22 16.95
N ARG B 14 -8.44 -18.51 16.88
CA ARG B 14 -8.49 -17.12 16.45
C ARG B 14 -9.57 -16.48 17.28
N VAL B 15 -9.30 -15.31 17.78
CA VAL B 15 -10.20 -14.61 18.68
C VAL B 15 -10.15 -13.11 18.38
N LEU B 16 -11.20 -12.39 18.78
CA LEU B 16 -11.25 -10.95 18.63
C LEU B 16 -11.66 -10.53 19.99
N ILE B 17 -10.81 -9.73 20.64
CA ILE B 17 -11.13 -9.18 21.96
C ILE B 17 -11.70 -7.77 21.84
N LYS B 18 -12.80 -7.53 22.53
CA LYS B 18 -13.35 -6.19 22.46
C LYS B 18 -13.20 -5.50 23.82
N LEU B 19 -12.41 -4.43 23.79
CA LEU B 19 -12.07 -3.63 24.96
C LEU B 19 -12.74 -2.25 24.88
N SER B 20 -13.38 -1.85 25.98
CA SER B 20 -13.91 -0.51 26.10
C SER B 20 -12.74 0.40 26.42
N GLY B 21 -12.85 1.64 25.97
CA GLY B 21 -11.85 2.65 26.27
C GLY B 21 -11.79 2.89 27.76
N GLY B 22 -12.92 2.76 28.43
CA GLY B 22 -12.97 2.95 29.85
C GLY B 22 -11.98 2.08 30.61
N ALA B 23 -11.59 0.97 30.00
CA ALA B 23 -10.67 0.00 30.61
C ALA B 23 -9.22 0.51 30.62
N LEU B 24 -8.93 1.52 29.81
CA LEU B 24 -7.58 2.05 29.65
C LEU B 24 -7.35 3.18 30.64
N ALA B 25 -8.41 3.56 31.33
CA ALA B 25 -8.26 4.62 32.30
C ALA B 25 -8.82 4.14 33.63
N ASP B 26 -8.34 4.78 34.69
CA ASP B 26 -9.00 4.63 35.97
C ASP B 26 -10.30 5.41 35.68
N GLN B 27 -11.05 5.79 36.71
CA GLN B 27 -12.28 6.54 36.47
C GLN B 27 -12.03 7.99 36.83
N THR B 28 -11.29 8.17 37.93
CA THR B 28 -10.96 9.47 38.49
C THR B 28 -10.98 10.63 37.49
N GLY B 29 -9.80 11.07 37.06
CA GLY B 29 -9.63 12.17 36.13
C GLY B 29 -9.99 11.69 34.76
N ASN B 30 -9.01 11.10 34.06
CA ASN B 30 -9.23 10.41 32.78
C ASN B 30 -7.99 10.25 31.89
N SER B 31 -8.18 9.53 30.78
CA SER B 31 -7.17 9.27 29.76
C SER B 31 -6.61 7.85 29.77
N PHE B 32 -5.37 7.73 30.21
CA PHE B 32 -4.69 6.43 30.34
C PHE B 32 -4.17 6.26 31.75
N ASN B 33 -3.97 5.00 32.15
CA ASN B 33 -3.50 4.66 33.48
C ASN B 33 -2.54 3.49 33.30
N SER B 34 -1.24 3.76 33.41
CA SER B 34 -0.23 2.74 33.12
C SER B 34 -0.42 1.43 33.86
N LYS B 35 -1.06 1.51 35.01
CA LYS B 35 -1.36 0.28 35.74
C LYS B 35 -2.40 -0.53 34.98
N ARG B 36 -3.43 0.15 34.48
CA ARG B 36 -4.47 -0.42 33.61
C ARG B 36 -3.95 -0.89 32.27
N LEU B 37 -3.10 -0.09 31.60
CA LEU B 37 -2.53 -0.50 30.30
C LEU B 37 -1.59 -1.71 30.46
N GLU B 38 -0.98 -1.84 31.63
CA GLU B 38 -0.12 -2.98 31.91
C GLU B 38 -0.95 -4.24 32.09
N HIS B 39 -2.06 -4.13 32.82
CA HIS B 39 -2.99 -5.23 32.97
C HIS B 39 -3.52 -5.71 31.62
N ILE B 40 -3.96 -4.75 30.81
CA ILE B 40 -4.54 -5.07 29.53
C ILE B 40 -3.53 -5.85 28.69
N ALA B 41 -2.28 -5.38 28.70
CA ALA B 41 -1.24 -5.97 27.87
C ALA B 41 -0.96 -7.38 28.34
N ASN B 42 -0.93 -7.57 29.65
CA ASN B 42 -0.60 -8.86 30.22
C ASN B 42 -1.66 -9.89 29.88
N GLU B 43 -2.92 -9.47 29.98
CA GLU B 43 -4.08 -10.32 29.68
C GLU B 43 -4.13 -10.70 28.20
N ILE B 44 -3.64 -9.81 27.34
CA ILE B 44 -3.63 -10.09 25.90
C ILE B 44 -2.49 -11.00 25.57
N LEU B 45 -1.38 -10.82 26.28
CA LEU B 45 -0.20 -11.62 25.97
C LEU B 45 -0.43 -13.05 26.41
N SER B 46 -1.04 -13.20 27.57
CA SER B 46 -1.39 -14.51 28.10
C SER B 46 -2.12 -15.41 27.10
N ILE B 47 -2.91 -14.81 26.22
CA ILE B 47 -3.64 -15.56 25.19
C ILE B 47 -2.74 -15.85 23.99
N VAL B 48 -2.03 -14.85 23.51
CA VAL B 48 -1.15 -15.06 22.35
C VAL B 48 -0.06 -16.06 22.67
N ASP B 49 0.37 -16.03 23.92
CA ASP B 49 1.39 -16.96 24.40
C ASP B 49 0.97 -18.41 24.18
N LEU B 50 -0.32 -18.65 23.93
CA LEU B 50 -0.79 -19.98 23.56
C LEU B 50 -0.89 -20.09 22.06
N GLY B 51 -0.32 -19.12 21.34
CA GLY B 51 -0.34 -19.20 19.90
C GLY B 51 -1.75 -19.12 19.32
N ILE B 52 -2.64 -18.46 20.06
CA ILE B 52 -3.98 -18.13 19.58
C ILE B 52 -3.85 -16.80 18.82
N GLU B 53 -4.46 -16.70 17.65
CA GLU B 53 -4.38 -15.42 16.93
C GLU B 53 -5.42 -14.38 17.40
N VAL B 54 -4.92 -13.22 17.82
CA VAL B 54 -5.72 -12.16 18.42
C VAL B 54 -5.88 -10.89 17.57
N SER B 55 -7.12 -10.38 17.53
CA SER B 55 -7.45 -9.05 16.98
C SER B 55 -8.12 -8.32 18.12
N ILE B 56 -7.87 -7.01 18.19
CA ILE B 56 -8.40 -6.18 19.27
C ILE B 56 -9.17 -5.01 18.70
N VAL B 57 -10.33 -4.72 19.29
CA VAL B 57 -11.13 -3.55 18.95
C VAL B 57 -11.36 -2.80 20.27
N ILE B 58 -10.87 -1.56 20.34
CA ILE B 58 -11.00 -0.74 21.54
C ILE B 58 -12.01 0.37 21.29
N GLY B 59 -12.64 0.85 22.36
CA GLY B 59 -13.57 1.95 22.31
C GLY B 59 -12.82 3.23 22.62
N GLY B 60 -13.46 4.39 22.47
CA GLY B 60 -12.73 5.62 22.72
C GLY B 60 -13.30 6.41 23.86
N GLY B 61 -13.97 5.70 24.75
CA GLY B 61 -14.65 6.32 25.87
C GLY B 61 -13.82 7.06 26.89
N ASN B 62 -12.55 6.70 26.99
CA ASN B 62 -11.70 7.30 28.02
C ASN B 62 -11.19 8.64 27.51
N ILE B 63 -11.61 9.01 26.30
CA ILE B 63 -11.23 10.27 25.71
C ILE B 63 -12.43 11.17 25.46
N PHE B 64 -13.45 10.60 24.80
CA PHE B 64 -14.65 11.34 24.45
C PHE B 64 -15.97 10.66 24.75
N ARG B 65 -16.90 11.44 25.31
CA ARG B 65 -18.23 10.97 25.67
C ARG B 65 -19.33 11.86 25.11
N GLY B 66 -20.47 11.27 24.77
CA GLY B 66 -21.65 11.98 24.27
C GLY B 66 -22.23 12.93 25.29
N HIS B 67 -21.80 12.74 26.54
CA HIS B 67 -22.20 13.60 27.65
C HIS B 67 -21.92 15.05 27.25
N LEU B 68 -20.88 15.25 26.44
CA LEU B 68 -20.51 16.58 25.98
C LEU B 68 -21.30 16.99 24.76
N ALA B 69 -21.24 16.17 23.72
CA ALA B 69 -21.96 16.42 22.46
C ALA B 69 -23.35 16.97 22.73
N GLU B 70 -24.04 16.38 23.71
CA GLU B 70 -25.36 16.83 24.10
C GLU B 70 -25.24 18.24 24.65
N GLU B 71 -24.20 18.46 25.46
CA GLU B 71 -24.03 19.76 26.09
C GLU B 71 -23.96 20.90 25.09
N TRP B 72 -23.34 20.65 23.93
CA TRP B 72 -23.16 21.68 22.92
C TRP B 72 -23.93 21.34 21.65
N GLY B 73 -24.85 20.39 21.78
CA GLY B 73 -25.71 19.99 20.69
C GLY B 73 -24.98 19.73 19.39
N ILE B 74 -23.92 18.93 19.46
CA ILE B 74 -23.20 18.54 18.25
C ILE B 74 -23.98 17.41 17.58
N ASP B 75 -24.07 17.47 16.26
CA ASP B 75 -24.75 16.40 15.54
C ASP B 75 -24.22 15.00 15.87
N ARG B 76 -25.15 14.09 16.16
CA ARG B 76 -24.83 12.69 16.47
C ARG B 76 -23.79 12.07 15.55
N VAL B 77 -23.89 12.39 14.26
CA VAL B 77 -22.92 11.89 13.30
C VAL B 77 -21.56 12.54 13.51
N GLU B 78 -21.56 13.77 14.00
CA GLU B 78 -20.32 14.51 14.27
C GLU B 78 -19.67 14.04 15.54
N ALA B 79 -20.49 13.76 16.54
CA ALA B 79 -19.96 13.25 17.80
C ALA B 79 -19.31 11.89 17.57
N ASP B 80 -19.94 11.08 16.72
CA ASP B 80 -19.42 9.74 16.44
C ASP B 80 -18.05 9.76 15.79
N ASN B 81 -17.80 10.75 14.93
CA ASN B 81 -16.48 10.87 14.26
C ASN B 81 -15.41 11.26 15.26
N ILE B 82 -15.78 12.14 16.19
CA ILE B 82 -14.87 12.55 17.23
C ILE B 82 -14.50 11.35 18.08
N GLY B 83 -15.51 10.63 18.56
CA GLY B 83 -15.31 9.44 19.36
C GLY B 83 -14.52 8.39 18.62
N THR B 84 -14.61 8.38 17.30
CA THR B 84 -13.88 7.40 16.49
C THR B 84 -12.36 7.63 16.48
N LEU B 85 -11.96 8.89 16.48
CA LEU B 85 -10.55 9.25 16.48
C LEU B 85 -9.96 8.75 17.80
N GLY B 86 -10.78 8.76 18.85
CA GLY B 86 -10.35 8.29 20.17
C GLY B 86 -9.90 6.84 20.11
N THR B 87 -10.66 6.03 19.38
CA THR B 87 -10.38 4.61 19.23
C THR B 87 -9.03 4.38 18.61
N ILE B 88 -8.67 5.26 17.66
CA ILE B 88 -7.37 5.23 16.97
C ILE B 88 -6.24 5.71 17.89
N ILE B 89 -6.55 6.64 18.79
CA ILE B 89 -5.53 7.07 19.74
C ILE B 89 -5.26 5.89 20.67
N ASN B 90 -6.32 5.27 21.17
CA ASN B 90 -6.21 4.11 22.07
C ASN B 90 -5.49 2.94 21.40
N SER B 91 -5.84 2.64 20.15
CA SER B 91 -5.13 1.64 19.36
C SER B 91 -3.62 1.91 19.26
N LEU B 92 -3.24 3.15 19.00
CA LEU B 92 -1.83 3.51 18.90
C LEU B 92 -1.11 3.36 20.24
N MET B 93 -1.73 3.84 21.32
CA MET B 93 -1.19 3.62 22.66
C MET B 93 -0.98 2.11 22.84
N LEU B 94 -2.06 1.39 23.11
CA LEU B 94 -2.05 -0.07 23.21
C LEU B 94 -0.90 -0.75 22.47
N ARG B 95 -0.75 -0.40 21.20
CA ARG B 95 0.29 -0.99 20.38
C ARG B 95 1.64 -0.71 21.03
N GLY B 96 1.81 0.53 21.49
CA GLY B 96 3.07 0.96 22.09
C GLY B 96 3.38 0.05 23.26
N VAL B 97 2.38 -0.12 24.10
CA VAL B 97 2.52 -0.89 25.33
C VAL B 97 2.82 -2.35 25.01
N LEU B 98 2.11 -2.87 24.02
CA LEU B 98 2.24 -4.27 23.65
C LEU B 98 3.63 -4.55 23.10
N THR B 99 4.17 -3.60 22.35
CA THR B 99 5.47 -3.73 21.69
C THR B 99 6.56 -3.79 22.76
N SER B 100 6.38 -2.99 23.78
CA SER B 100 7.32 -2.96 24.88
C SER B 100 7.49 -4.32 25.52
N LYS B 101 6.40 -5.09 25.60
CA LYS B 101 6.44 -6.39 26.29
C LYS B 101 6.51 -7.63 25.45
N THR B 102 6.35 -7.48 24.14
CA THR B 102 6.34 -8.63 23.25
C THR B 102 7.44 -8.52 22.22
N ASN B 103 7.63 -9.58 21.44
CA ASN B 103 8.61 -9.58 20.38
C ASN B 103 7.81 -9.77 19.12
N LYS B 104 6.54 -10.14 19.35
CA LYS B 104 5.60 -10.39 18.27
C LYS B 104 5.34 -9.09 17.57
N GLU B 105 4.88 -9.19 16.32
CA GLU B 105 4.55 -8.01 15.55
C GLU B 105 3.13 -7.59 15.88
N VAL B 106 2.94 -6.31 16.17
CA VAL B 106 1.61 -5.79 16.43
C VAL B 106 1.22 -4.71 15.42
N ARG B 107 0.13 -4.93 14.70
CA ARG B 107 -0.28 -4.00 13.64
C ARG B 107 -1.59 -3.26 13.91
N VAL B 108 -1.56 -1.94 13.75
CA VAL B 108 -2.76 -1.11 13.88
C VAL B 108 -3.30 -0.81 12.49
N MET B 109 -4.55 -1.20 12.25
CA MET B 109 -5.20 -0.94 10.96
C MET B 109 -6.43 -0.10 11.24
N THR B 110 -6.58 0.98 10.47
CA THR B 110 -7.67 1.96 10.58
C THR B 110 -8.69 1.88 9.44
N SER B 111 -9.94 2.14 9.75
CA SER B 111 -11.01 2.14 8.76
C SER B 111 -11.07 3.50 8.08
N ILE B 112 -10.28 4.42 8.62
CA ILE B 112 -10.09 5.73 8.04
C ILE B 112 -8.61 5.88 7.78
N PRO B 113 -8.12 5.36 6.63
CA PRO B 113 -6.69 5.34 6.34
C PRO B 113 -6.04 6.67 6.66
N PHE B 114 -5.19 6.61 7.68
CA PHE B 114 -4.52 7.81 8.19
C PHE B 114 -3.10 7.74 7.63
N ASN B 115 -2.66 6.52 7.32
CA ASN B 115 -1.33 6.31 6.75
C ASN B 115 -0.23 7.03 7.50
N ALA B 116 0.94 6.41 7.53
CA ALA B 116 2.06 6.98 8.25
C ALA B 116 1.65 7.34 9.67
N VAL B 117 0.63 6.65 10.15
CA VAL B 117 0.13 6.77 11.52
C VAL B 117 -0.31 5.35 11.85
N ALA B 118 -1.00 4.74 10.90
CA ALA B 118 -1.43 3.34 10.97
C ALA B 118 -1.62 2.84 9.54
N GLU B 119 -1.75 1.53 9.35
CA GLU B 119 -2.04 1.02 8.01
C GLU B 119 -3.52 1.15 7.66
N PRO B 120 -3.81 1.57 6.42
CA PRO B 120 -5.23 1.57 6.08
C PRO B 120 -5.75 0.14 6.19
N TYR B 121 -6.90 -0.03 6.80
CA TYR B 121 -7.45 -1.36 6.91
C TYR B 121 -7.73 -2.03 5.57
N ILE B 122 -7.20 -3.25 5.41
CA ILE B 122 -7.49 -4.10 4.25
C ILE B 122 -7.67 -5.51 4.74
N ARG B 123 -8.87 -6.01 4.48
CA ARG B 123 -9.32 -7.30 5.00
C ARG B 123 -8.29 -8.40 4.86
N LEU B 124 -8.05 -8.84 3.63
CA LEU B 124 -7.12 -9.93 3.36
C LEU B 124 -5.69 -9.71 3.83
N ARG B 125 -5.32 -8.45 4.02
CA ARG B 125 -4.05 -8.11 4.64
C ARG B 125 -4.17 -8.41 6.13
N ALA B 126 -5.33 -8.09 6.69
CA ALA B 126 -5.57 -8.29 8.12
C ALA B 126 -5.55 -9.76 8.40
N VAL B 127 -6.24 -10.54 7.57
CA VAL B 127 -6.30 -11.97 7.73
C VAL B 127 -4.90 -12.54 7.68
N HIS B 128 -4.19 -12.14 6.64
CA HIS B 128 -2.81 -12.49 6.35
C HIS B 128 -1.88 -12.29 7.54
N HIS B 129 -1.91 -11.09 8.12
CA HIS B 129 -1.13 -10.80 9.32
C HIS B 129 -1.39 -11.85 10.40
N LEU B 130 -2.67 -11.94 10.77
CA LEU B 130 -3.17 -12.86 11.78
C LEU B 130 -2.65 -14.26 11.50
N ASP B 131 -2.67 -14.63 10.23
CA ASP B 131 -2.12 -15.91 9.76
C ASP B 131 -0.61 -15.99 9.99
N ASN B 132 0.07 -14.84 9.92
CA ASN B 132 1.53 -14.77 10.12
C ASN B 132 1.84 -14.57 11.61
N GLY B 133 0.82 -14.74 12.43
CA GLY B 133 0.93 -14.65 13.88
C GLY B 133 1.19 -13.26 14.42
N TYR B 134 0.68 -12.24 13.74
CA TYR B 134 0.79 -10.86 14.26
C TYR B 134 -0.40 -10.58 15.18
N ILE B 135 -0.27 -9.57 16.03
CA ILE B 135 -1.38 -9.11 16.86
C ILE B 135 -1.89 -7.89 16.11
N VAL B 136 -3.16 -7.92 15.71
CA VAL B 136 -3.70 -6.78 14.99
C VAL B 136 -4.73 -6.02 15.80
N ILE B 137 -4.67 -4.69 15.71
CA ILE B 137 -5.58 -3.79 16.44
C ILE B 137 -6.33 -3.00 15.41
N PHE B 138 -7.65 -2.91 15.59
CA PHE B 138 -8.49 -2.17 14.68
C PHE B 138 -8.97 -0.92 15.39
N GLY B 139 -8.73 0.21 14.72
CA GLY B 139 -9.12 1.52 15.19
C GLY B 139 -10.07 2.15 14.17
N GLY B 140 -10.89 3.07 14.64
CA GLY B 140 -11.86 3.76 13.80
C GLY B 140 -13.05 2.88 13.57
N GLY B 141 -13.21 1.88 14.44
CA GLY B 141 -14.29 0.92 14.30
C GLY B 141 -14.61 0.49 12.88
N ASN B 142 -15.78 0.94 12.43
CA ASN B 142 -16.47 0.62 11.18
C ASN B 142 -16.34 1.75 10.18
N GLY B 143 -16.17 2.96 10.72
CA GLY B 143 -16.21 4.18 9.95
C GLY B 143 -17.61 4.78 9.88
N GLN B 144 -18.61 3.97 10.25
CA GLN B 144 -20.02 4.38 10.23
C GLN B 144 -20.54 4.93 11.56
N PRO B 145 -21.67 5.63 11.50
CA PRO B 145 -22.31 6.33 12.61
C PRO B 145 -23.51 5.55 13.18
N PHE B 146 -24.09 6.07 14.26
CA PHE B 146 -25.23 5.43 14.92
C PHE B 146 -24.88 4.08 15.50
N VAL B 147 -23.59 3.77 15.54
CA VAL B 147 -23.16 2.45 15.98
C VAL B 147 -22.13 2.48 17.12
N THR B 148 -22.23 1.50 18.00
CA THR B 148 -21.37 1.38 19.17
C THR B 148 -20.15 0.54 18.82
N THR B 149 -19.24 0.41 19.77
CA THR B 149 -18.05 -0.41 19.59
C THR B 149 -18.42 -1.86 19.31
N ASP B 150 -19.48 -2.34 19.95
CA ASP B 150 -19.92 -3.73 19.84
C ASP B 150 -20.04 -4.18 18.39
N TYR B 151 -20.92 -3.53 17.65
CA TYR B 151 -21.19 -3.92 16.27
C TYR B 151 -20.01 -4.14 15.33
N PRO B 152 -19.17 -3.10 15.15
CA PRO B 152 -18.00 -3.26 14.29
C PRO B 152 -17.08 -4.37 14.75
N SER B 153 -16.99 -4.52 16.06
CA SER B 153 -16.13 -5.53 16.65
C SER B 153 -16.64 -6.91 16.28
N VAL B 154 -17.95 -7.10 16.28
CA VAL B 154 -18.47 -8.39 15.83
C VAL B 154 -18.33 -8.54 14.31
N GLN B 155 -18.46 -7.42 13.60
CA GLN B 155 -18.30 -7.43 12.16
C GLN B 155 -16.87 -7.76 11.72
N ARG B 156 -15.86 -7.16 12.37
CA ARG B 156 -14.45 -7.48 12.11
C ARG B 156 -14.08 -8.90 12.57
N ALA B 157 -14.69 -9.34 13.67
CA ALA B 157 -14.51 -10.71 14.16
C ALA B 157 -14.87 -11.72 13.06
N ILE B 158 -16.04 -11.55 12.44
CA ILE B 158 -16.53 -12.45 11.40
C ILE B 158 -15.69 -12.30 10.15
N GLU B 159 -15.39 -11.05 9.82
CA GLU B 159 -14.53 -10.76 8.67
C GLU B 159 -13.19 -11.50 8.80
N MET B 160 -12.76 -11.74 10.02
CA MET B 160 -11.44 -12.28 10.25
C MET B 160 -11.48 -13.77 10.45
N ASN B 161 -12.66 -14.37 10.26
CA ASN B 161 -12.82 -15.82 10.46
C ASN B 161 -12.47 -16.15 11.91
N SER B 162 -12.91 -15.32 12.85
CA SER B 162 -12.65 -15.53 14.28
C SER B 162 -13.48 -16.69 14.82
N ASP B 163 -12.91 -17.38 15.80
CA ASP B 163 -13.56 -18.52 16.40
C ASP B 163 -14.57 -18.05 17.44
N ALA B 164 -14.31 -16.90 18.04
CA ALA B 164 -15.16 -16.38 19.09
C ALA B 164 -14.86 -14.89 19.26
N ILE B 165 -15.73 -14.18 20.00
CA ILE B 165 -15.49 -12.78 20.36
C ILE B 165 -15.55 -12.72 21.87
N LEU B 166 -14.50 -12.15 22.47
CA LEU B 166 -14.43 -12.05 23.92
C LEU B 166 -14.73 -10.61 24.28
N VAL B 167 -15.89 -10.40 24.87
CA VAL B 167 -16.30 -9.04 25.21
C VAL B 167 -15.98 -8.79 26.67
N ALA B 168 -14.81 -8.17 26.88
CA ALA B 168 -14.30 -7.92 28.22
C ALA B 168 -15.06 -6.83 28.95
N LYS B 169 -15.61 -7.20 30.10
CA LYS B 169 -16.36 -6.27 30.95
C LYS B 169 -15.49 -5.88 32.15
N GLN B 170 -15.93 -4.84 32.85
CA GLN B 170 -15.25 -4.39 34.06
C GLN B 170 -16.18 -4.66 35.24
N GLY B 171 -15.60 -5.12 36.34
CA GLY B 171 -16.39 -5.41 37.53
C GLY B 171 -17.49 -6.44 37.40
N VAL B 172 -18.15 -6.55 36.24
CA VAL B 172 -19.23 -7.51 36.07
C VAL B 172 -18.88 -8.88 35.48
N ASP B 173 -19.13 -9.94 36.25
CA ASP B 173 -18.66 -11.27 35.91
C ASP B 173 -19.28 -12.03 34.74
N GLY B 174 -20.36 -11.52 34.18
CA GLY B 174 -21.05 -12.17 33.08
C GLY B 174 -22.41 -11.51 32.87
N VAL B 175 -23.35 -12.26 32.30
CA VAL B 175 -24.68 -11.71 32.05
C VAL B 175 -25.69 -12.25 33.03
N PHE B 176 -26.39 -11.34 33.71
CA PHE B 176 -27.36 -11.75 34.73
C PHE B 176 -28.81 -11.66 34.26
N THR B 177 -29.69 -12.23 35.07
CA THR B 177 -31.10 -12.21 34.79
C THR B 177 -31.58 -10.75 34.80
N SER B 178 -31.26 -10.07 35.90
CA SER B 178 -31.53 -8.64 36.06
C SER B 178 -30.33 -8.05 36.80
N ASP B 179 -29.83 -6.92 36.34
CA ASP B 179 -28.60 -6.36 36.91
C ASP B 179 -28.54 -6.31 38.42
N PRO B 180 -27.62 -7.09 39.02
CA PRO B 180 -27.21 -7.23 40.42
C PRO B 180 -27.03 -5.86 41.08
N LYS B 181 -27.24 -4.81 40.28
CA LYS B 181 -27.14 -3.41 40.70
C LYS B 181 -28.36 -3.03 41.53
N HIS B 182 -29.22 -4.01 41.75
CA HIS B 182 -30.35 -3.91 42.68
C HIS B 182 -30.85 -5.30 43.02
N ASN B 183 -31.30 -5.99 41.97
CA ASN B 183 -31.99 -7.28 42.12
C ASN B 183 -31.32 -8.39 42.92
N LYS B 184 -30.73 -8.02 44.05
CA LYS B 184 -30.11 -8.96 44.98
C LYS B 184 -29.92 -10.34 44.40
N SER B 185 -31.04 -11.06 44.27
CA SER B 185 -31.03 -12.40 43.73
C SER B 185 -31.23 -12.46 42.22
N ALA B 186 -30.32 -11.83 41.48
CA ALA B 186 -30.27 -11.96 40.04
C ALA B 186 -29.34 -13.15 39.91
N LYS B 187 -29.41 -13.90 38.81
CA LYS B 187 -28.51 -15.04 38.63
C LYS B 187 -27.74 -14.88 37.32
N MET B 188 -26.54 -15.43 37.25
CA MET B 188 -25.72 -15.26 36.06
C MET B 188 -25.90 -16.46 35.15
N TYR B 189 -25.99 -16.20 33.86
CA TYR B 189 -26.13 -17.28 32.89
C TYR B 189 -24.79 -17.95 32.61
N ARG B 190 -24.79 -19.27 32.61
CA ARG B 190 -23.60 -19.99 32.20
C ARG B 190 -23.67 -19.99 30.67
N LYS B 191 -24.89 -20.11 30.18
CA LYS B 191 -25.13 -20.07 28.75
C LYS B 191 -26.36 -19.19 28.47
N LEU B 192 -26.34 -18.52 27.33
CA LEU B 192 -27.36 -17.56 26.93
C LEU B 192 -27.61 -17.68 25.44
N ASN B 193 -28.85 -17.92 25.07
CA ASN B 193 -29.21 -18.08 23.67
C ASN B 193 -29.34 -16.70 23.06
N TYR B 194 -29.06 -16.60 21.77
CA TYR B 194 -29.21 -15.31 21.12
C TYR B 194 -30.66 -14.92 21.28
N ASN B 195 -31.50 -15.51 20.44
CA ASN B 195 -32.94 -15.27 20.45
C ASN B 195 -33.55 -14.98 21.81
N ASP B 196 -33.03 -15.64 22.85
CA ASP B 196 -33.44 -15.40 24.23
C ASP B 196 -32.97 -14.04 24.75
N VAL B 197 -31.78 -13.61 24.35
CA VAL B 197 -31.28 -12.33 24.81
C VAL B 197 -32.16 -11.22 24.27
N VAL B 198 -32.61 -11.37 23.02
CA VAL B 198 -33.45 -10.35 22.41
C VAL B 198 -34.90 -10.40 22.94
N ARG B 199 -35.39 -11.64 23.09
CA ARG B 199 -36.73 -11.93 23.60
C ARG B 199 -36.94 -11.23 24.93
N GLN B 200 -36.14 -11.60 25.91
CA GLN B 200 -36.31 -11.06 27.23
C GLN B 200 -35.58 -9.75 27.28
N ASN B 201 -35.49 -9.08 26.13
CA ASN B 201 -34.82 -7.79 25.99
C ASN B 201 -33.71 -7.62 27.05
N ILE B 202 -32.60 -8.32 26.87
CA ILE B 202 -31.47 -8.21 27.77
C ILE B 202 -30.52 -7.16 27.20
N GLN B 203 -30.00 -6.28 28.05
CA GLN B 203 -29.19 -5.17 27.56
C GLN B 203 -27.73 -5.33 27.95
N VAL B 204 -27.02 -6.09 27.13
CA VAL B 204 -25.66 -6.53 27.38
C VAL B 204 -24.75 -5.99 26.28
N MET B 205 -25.17 -6.23 25.04
CA MET B 205 -24.50 -5.67 23.88
C MET B 205 -25.57 -5.31 22.86
N ASP B 206 -25.27 -4.36 21.98
CA ASP B 206 -26.14 -3.93 20.89
C ASP B 206 -27.00 -5.05 20.34
N GLN B 207 -28.24 -4.71 20.00
CA GLN B 207 -29.08 -5.69 19.35
C GLN B 207 -28.49 -6.01 17.99
N ALA B 208 -28.08 -4.97 17.27
CA ALA B 208 -27.47 -5.17 15.96
C ALA B 208 -26.23 -6.09 15.95
N ALA B 209 -25.37 -5.93 16.94
CA ALA B 209 -24.16 -6.75 17.03
C ALA B 209 -24.56 -8.19 17.33
N LEU B 210 -25.47 -8.30 18.29
CA LEU B 210 -26.05 -9.56 18.73
C LEU B 210 -26.62 -10.33 17.55
N LEU B 211 -27.51 -9.67 16.82
CA LEU B 211 -28.16 -10.25 15.65
C LEU B 211 -27.15 -10.84 14.67
N LEU B 212 -26.15 -10.03 14.31
CA LEU B 212 -25.07 -10.39 13.39
C LEU B 212 -24.33 -11.63 13.84
N ALA B 213 -23.84 -11.57 15.08
CA ALA B 213 -23.13 -12.68 15.68
C ALA B 213 -23.99 -13.90 15.51
N ARG B 214 -25.26 -13.77 15.89
CA ARG B 214 -26.21 -14.88 15.79
C ARG B 214 -26.35 -15.39 14.35
N ASP B 215 -26.49 -14.48 13.41
CA ASP B 215 -26.66 -14.85 12.02
C ASP B 215 -25.46 -15.61 11.47
N TYR B 216 -24.26 -15.24 11.93
CA TYR B 216 -23.02 -15.84 11.46
C TYR B 216 -22.45 -16.83 12.45
N ASN B 217 -23.18 -17.05 13.52
CA ASN B 217 -22.78 -18.05 14.48
C ASN B 217 -21.49 -17.73 15.24
N LEU B 218 -21.24 -16.45 15.48
CA LEU B 218 -20.06 -16.05 16.24
C LEU B 218 -20.47 -16.16 17.68
N PRO B 219 -19.71 -16.92 18.46
CA PRO B 219 -20.03 -17.06 19.88
C PRO B 219 -19.44 -15.87 20.62
N ALA B 220 -20.06 -15.49 21.74
CA ALA B 220 -19.58 -14.37 22.53
C ALA B 220 -19.38 -14.75 23.99
N HIS B 221 -18.35 -14.19 24.60
CA HIS B 221 -18.08 -14.44 26.02
C HIS B 221 -18.10 -13.10 26.73
N VAL B 222 -18.91 -12.98 27.76
CA VAL B 222 -18.93 -11.73 28.53
C VAL B 222 -18.34 -12.16 29.85
N PHE B 223 -17.31 -11.46 30.29
CA PHE B 223 -16.58 -11.88 31.50
C PHE B 223 -15.91 -10.68 32.11
N ASN B 224 -15.29 -10.91 33.26
CA ASN B 224 -14.60 -9.85 34.01
C ASN B 224 -13.14 -9.72 33.59
N PHE B 225 -12.82 -8.67 32.84
CA PHE B 225 -11.47 -8.49 32.35
C PHE B 225 -10.56 -8.07 33.50
N ASP B 226 -11.15 -7.40 34.47
CA ASP B 226 -10.44 -6.92 35.66
C ASP B 226 -9.92 -8.05 36.55
N GLU B 227 -10.23 -9.29 36.20
CA GLU B 227 -9.81 -10.42 37.01
C GLU B 227 -8.72 -11.19 36.28
N PRO B 228 -7.51 -11.16 36.84
CA PRO B 228 -6.39 -11.82 36.18
C PRO B 228 -6.72 -13.28 35.88
N GLY B 229 -6.24 -13.77 34.75
CA GLY B 229 -6.42 -15.14 34.32
C GLY B 229 -7.66 -15.46 33.52
N VAL B 230 -8.80 -14.92 33.90
CA VAL B 230 -10.04 -15.33 33.26
C VAL B 230 -10.18 -15.40 31.74
N MET B 231 -9.42 -14.59 31.02
CA MET B 231 -9.53 -14.63 29.56
C MET B 231 -8.82 -15.87 28.99
N ARG B 232 -7.83 -16.36 29.73
CA ARG B 232 -7.04 -17.54 29.35
C ARG B 232 -7.82 -18.80 29.66
N ARG B 233 -8.45 -18.80 30.82
CA ARG B 233 -9.28 -19.92 31.25
C ARG B 233 -10.38 -20.13 30.24
N ILE B 234 -10.91 -19.03 29.73
CA ILE B 234 -11.96 -19.05 28.72
C ILE B 234 -11.43 -19.73 27.45
N CYS B 235 -10.29 -19.24 26.97
CA CYS B 235 -9.66 -19.82 25.78
C CYS B 235 -9.21 -21.28 25.98
N LEU B 236 -8.82 -21.60 27.22
CA LEU B 236 -8.40 -22.94 27.63
C LEU B 236 -9.60 -23.90 27.75
N GLY B 237 -10.81 -23.40 27.51
CA GLY B 237 -12.02 -24.20 27.53
C GLY B 237 -12.82 -24.12 28.81
N GLU B 238 -12.31 -23.44 29.82
CA GLU B 238 -13.03 -23.30 31.08
C GLU B 238 -14.32 -22.51 30.98
N HIS B 239 -15.25 -22.79 31.87
CA HIS B 239 -16.54 -22.12 31.84
C HIS B 239 -16.61 -21.06 32.91
N VAL B 240 -16.09 -19.88 32.58
CA VAL B 240 -16.13 -18.73 33.47
C VAL B 240 -16.83 -17.59 32.74
N GLY B 241 -17.56 -16.75 33.46
CA GLY B 241 -18.30 -15.67 32.81
C GLY B 241 -19.43 -16.29 32.02
N THR B 242 -20.02 -15.53 31.09
CA THR B 242 -21.17 -16.00 30.29
C THR B 242 -20.84 -16.33 28.82
N LEU B 243 -21.39 -17.42 28.29
CA LEU B 243 -21.19 -17.77 26.87
C LEU B 243 -22.47 -17.58 26.06
N ILE B 244 -22.45 -16.70 25.07
CA ILE B 244 -23.63 -16.45 24.23
C ILE B 244 -23.61 -17.25 22.95
N ASN B 245 -24.56 -18.16 22.86
CA ASN B 245 -24.57 -19.24 21.91
C ASN B 245 -25.92 -19.41 21.24
N ASP B 246 -25.99 -20.41 20.37
CA ASP B 246 -27.26 -20.90 19.88
C ASP B 246 -27.57 -22.27 20.48
N ASP B 247 -26.82 -22.61 21.53
CA ASP B 247 -27.08 -23.79 22.37
C ASP B 247 -28.37 -23.35 23.08
N ALA B 248 -28.69 -23.91 24.24
CA ALA B 248 -29.89 -23.48 24.96
C ALA B 248 -29.57 -23.05 26.37
N SER B 249 -30.09 -21.88 26.72
CA SER B 249 -29.76 -21.20 27.96
C SER B 249 -29.64 -22.04 29.22
N LEU B 250 -28.56 -21.82 29.98
CA LEU B 250 -28.34 -22.46 31.27
C LEU B 250 -28.33 -21.40 32.34
N LEU B 251 -27.58 -21.62 33.41
CA LEU B 251 -27.60 -20.68 34.51
C LEU B 251 -26.69 -21.17 35.64
N VAL B 252 -25.77 -20.33 36.11
CA VAL B 252 -24.88 -20.72 37.19
C VAL B 252 -25.68 -21.31 38.37
N HIS B 253 -25.02 -21.97 39.31
CA HIS B 253 -25.72 -22.62 40.42
C HIS B 253 -24.97 -22.45 41.75
N ARG C 10 33.44 8.67 13.67
CA ARG C 10 33.10 7.30 14.04
C ARG C 10 32.88 6.44 12.78
N PRO C 11 32.84 5.10 12.96
CA PRO C 11 32.50 4.23 11.82
C PRO C 11 30.98 4.13 11.86
N TYR C 12 30.32 4.76 10.90
CA TYR C 12 28.86 4.80 10.91
C TYR C 12 28.31 3.53 10.30
N LYS C 13 27.13 3.12 10.75
CA LYS C 13 26.48 1.96 10.14
C LYS C 13 25.24 2.36 9.33
N ARG C 14 24.64 3.50 9.68
CA ARG C 14 23.50 4.12 8.99
C ARG C 14 23.80 5.59 8.77
N VAL C 15 23.58 6.02 7.55
CA VAL C 15 23.89 7.39 7.16
C VAL C 15 22.87 8.03 6.21
N LEU C 16 22.82 9.36 6.20
CA LEU C 16 21.88 10.09 5.36
C LEU C 16 22.73 11.08 4.60
N ILE C 17 22.74 10.95 3.28
CA ILE C 17 23.52 11.85 2.46
C ILE C 17 22.66 12.94 1.87
N LYS C 18 23.05 14.19 2.03
CA LYS C 18 22.22 15.24 1.45
C LYS C 18 22.95 15.88 0.28
N LEU C 19 22.29 15.78 -0.87
CA LEU C 19 22.82 16.21 -2.15
C LEU C 19 22.05 17.39 -2.70
N SER C 20 22.77 18.42 -3.12
CA SER C 20 22.13 19.56 -3.76
C SER C 20 21.81 19.16 -5.18
N GLY C 21 20.70 19.67 -5.69
CA GLY C 21 20.26 19.37 -7.03
C GLY C 21 21.30 19.86 -8.00
N GLY C 22 22.01 20.88 -7.59
CA GLY C 22 23.07 21.45 -8.40
C GLY C 22 24.19 20.49 -8.78
N ALA C 23 24.43 19.51 -7.91
CA ALA C 23 25.48 18.51 -8.10
C ALA C 23 25.21 17.58 -9.28
N LEU C 24 23.96 17.48 -9.71
CA LEU C 24 23.58 16.54 -10.77
C LEU C 24 23.80 17.20 -12.13
N ALA C 25 23.98 18.51 -12.12
CA ALA C 25 24.12 19.21 -13.36
C ALA C 25 25.46 19.89 -13.38
N ASP C 26 25.97 20.14 -14.57
CA ASP C 26 27.11 21.02 -14.71
C ASP C 26 26.46 22.36 -14.31
N GLN C 27 27.10 23.47 -14.63
CA GLN C 27 26.51 24.78 -14.30
C GLN C 27 25.99 25.40 -15.58
N THR C 28 26.74 25.17 -16.67
CA THR C 28 26.44 25.67 -18.01
C THR C 28 24.96 25.89 -18.33
N GLY C 29 24.39 24.97 -19.11
CA GLY C 29 23.00 25.04 -19.54
C GLY C 29 22.18 24.67 -18.33
N ASN C 30 22.02 23.36 -18.10
CA ASN C 30 21.38 22.81 -16.90
C ASN C 30 20.71 21.45 -17.10
N SER C 31 20.23 20.91 -15.98
CA SER C 31 19.49 19.65 -15.88
C SER C 31 20.31 18.52 -15.28
N PHE C 32 20.68 17.57 -16.11
CA PHE C 32 21.50 16.47 -15.68
C PHE C 32 22.78 16.45 -16.49
N ASN C 33 23.76 15.67 -16.05
CA ASN C 33 25.06 15.61 -16.71
C ASN C 33 25.62 14.25 -16.34
N SER C 34 25.48 13.29 -17.26
CA SER C 34 25.84 11.90 -17.01
C SER C 34 27.20 11.66 -16.42
N LYS C 35 28.08 12.63 -16.57
CA LYS C 35 29.40 12.51 -15.96
C LYS C 35 29.26 12.77 -14.45
N ARG C 36 28.44 13.77 -14.12
CA ARG C 36 28.13 14.11 -12.73
C ARG C 36 27.28 13.02 -12.05
N LEU C 37 26.31 12.45 -12.77
CA LEU C 37 25.48 11.40 -12.20
C LEU C 37 26.32 10.14 -11.96
N GLU C 38 27.31 9.91 -12.81
CA GLU C 38 28.20 8.75 -12.62
C GLU C 38 29.06 8.96 -11.36
N HIS C 39 29.59 10.18 -11.20
CA HIS C 39 30.35 10.52 -10.01
C HIS C 39 29.50 10.28 -8.76
N ILE C 40 28.30 10.87 -8.75
CA ILE C 40 27.39 10.73 -7.62
C ILE C 40 27.16 9.27 -7.29
N ALA C 41 26.76 8.49 -8.29
CA ALA C 41 26.53 7.08 -8.10
C ALA C 41 27.75 6.34 -7.51
N ASN C 42 28.94 6.63 -8.03
CA ASN C 42 30.11 5.94 -7.54
C ASN C 42 30.42 6.25 -6.09
N GLU C 43 30.28 7.52 -5.72
CA GLU C 43 30.54 8.00 -4.35
C GLU C 43 29.57 7.33 -3.41
N ILE C 44 28.33 7.20 -3.87
CA ILE C 44 27.30 6.53 -3.08
C ILE C 44 27.56 5.04 -2.90
N LEU C 45 27.95 4.38 -3.99
CA LEU C 45 28.15 2.95 -3.95
C LEU C 45 29.36 2.58 -3.11
N SER C 46 30.33 3.50 -3.04
CA SER C 46 31.53 3.33 -2.26
C SER C 46 31.23 3.12 -0.77
N ILE C 47 30.20 3.79 -0.27
CA ILE C 47 29.75 3.68 1.12
C ILE C 47 28.97 2.38 1.32
N VAL C 48 27.97 2.13 0.50
CA VAL C 48 27.13 0.94 0.67
C VAL C 48 27.94 -0.36 0.55
N ASP C 49 29.01 -0.28 -0.22
CA ASP C 49 29.93 -1.40 -0.44
C ASP C 49 30.62 -1.83 0.87
N LEU C 50 30.53 -0.96 1.88
CA LEU C 50 31.06 -1.24 3.20
C LEU C 50 29.92 -1.71 4.09
N GLY C 51 28.75 -1.92 3.50
CA GLY C 51 27.61 -2.44 4.23
C GLY C 51 26.95 -1.38 5.08
N ILE C 52 27.32 -0.13 4.87
CA ILE C 52 26.68 1.00 5.54
C ILE C 52 25.30 1.20 4.91
N GLU C 53 24.31 1.52 5.73
CA GLU C 53 22.96 1.73 5.20
C GLU C 53 22.73 3.21 4.90
N VAL C 54 22.32 3.48 3.66
CA VAL C 54 22.20 4.85 3.16
C VAL C 54 20.77 5.32 2.83
N SER C 55 20.51 6.60 3.08
CA SER C 55 19.28 7.30 2.68
C SER C 55 19.82 8.52 1.98
N ILE C 56 19.19 8.91 0.86
CA ILE C 56 19.63 10.09 0.13
C ILE C 56 18.52 11.11 0.03
N VAL C 57 18.83 12.37 0.31
CA VAL C 57 17.88 13.45 0.12
C VAL C 57 18.50 14.42 -0.90
N ILE C 58 17.86 14.62 -2.04
CA ILE C 58 18.35 15.51 -3.10
C ILE C 58 17.55 16.80 -3.17
N GLY C 59 18.20 17.88 -3.59
CA GLY C 59 17.52 19.13 -3.85
C GLY C 59 17.06 19.21 -5.31
N GLY C 60 16.21 20.19 -5.62
CA GLY C 60 15.70 20.33 -6.98
C GLY C 60 16.25 21.52 -7.71
N GLY C 61 17.38 22.00 -7.22
CA GLY C 61 18.03 23.17 -7.77
C GLY C 61 18.43 23.17 -9.24
N ASN C 62 18.69 22.00 -9.80
CA ASN C 62 19.12 21.93 -11.18
C ASN C 62 17.94 22.10 -12.13
N ILE C 63 16.74 22.14 -11.58
CA ILE C 63 15.52 22.21 -12.39
C ILE C 63 14.80 23.52 -12.18
N PHE C 64 14.64 23.89 -10.91
CA PHE C 64 13.89 25.08 -10.55
C PHE C 64 14.55 25.95 -9.50
N ARG C 65 14.51 27.25 -9.75
CA ARG C 65 15.10 28.26 -8.87
C ARG C 65 14.14 29.41 -8.59
N GLY C 66 14.23 29.98 -7.39
CA GLY C 66 13.42 31.11 -6.96
C GLY C 66 13.65 32.35 -7.80
N HIS C 67 14.78 32.34 -8.49
CA HIS C 67 15.15 33.42 -9.40
C HIS C 67 13.99 33.69 -10.36
N LEU C 68 13.25 32.64 -10.71
CA LEU C 68 12.14 32.76 -11.65
C LEU C 68 10.81 33.03 -10.97
N ALA C 69 10.67 32.55 -9.74
CA ALA C 69 9.44 32.77 -8.98
C ALA C 69 9.29 34.25 -8.70
N GLU C 70 10.38 34.89 -8.32
CA GLU C 70 10.42 36.32 -8.08
C GLU C 70 10.04 37.04 -9.36
N GLU C 71 10.68 36.64 -10.44
CA GLU C 71 10.46 37.26 -11.73
C GLU C 71 8.96 37.36 -12.08
N TRP C 72 8.17 36.34 -11.73
CA TRP C 72 6.75 36.37 -12.04
C TRP C 72 5.89 36.46 -10.80
N GLY C 73 6.50 36.89 -9.69
CA GLY C 73 5.83 37.05 -8.42
C GLY C 73 4.97 35.86 -8.04
N ILE C 74 5.53 34.67 -8.15
CA ILE C 74 4.80 33.47 -7.74
C ILE C 74 4.88 33.37 -6.23
N ASP C 75 3.74 33.19 -5.57
CA ASP C 75 3.74 32.99 -4.12
C ASP C 75 4.76 31.95 -3.63
N ARG C 76 5.53 32.34 -2.61
CA ARG C 76 6.56 31.49 -2.02
C ARG C 76 6.15 30.03 -1.74
N VAL C 77 4.94 29.83 -1.24
CA VAL C 77 4.42 28.49 -1.02
C VAL C 77 4.25 27.77 -2.36
N GLU C 78 3.90 28.53 -3.39
CA GLU C 78 3.71 28.00 -4.73
C GLU C 78 5.04 27.65 -5.41
N ALA C 79 6.05 28.50 -5.19
CA ALA C 79 7.37 28.24 -5.75
C ALA C 79 8.00 27.03 -5.07
N ASP C 80 7.65 26.82 -3.81
CA ASP C 80 8.26 25.71 -3.11
C ASP C 80 7.68 24.41 -3.63
N ASN C 81 6.37 24.38 -3.90
CA ASN C 81 5.75 23.17 -4.44
C ASN C 81 6.40 22.79 -5.75
N ILE C 82 6.67 23.77 -6.59
CA ILE C 82 7.32 23.50 -7.86
C ILE C 82 8.67 22.86 -7.60
N GLY C 83 9.52 23.53 -6.83
CA GLY C 83 10.86 23.06 -6.51
C GLY C 83 10.85 21.68 -5.88
N THR C 84 9.74 21.34 -5.22
CA THR C 84 9.60 20.04 -4.57
C THR C 84 9.49 18.94 -5.62
N LEU C 85 8.80 19.25 -6.72
CA LEU C 85 8.58 18.27 -7.78
C LEU C 85 9.94 18.01 -8.42
N GLY C 86 10.81 19.03 -8.42
CA GLY C 86 12.14 18.87 -8.96
C GLY C 86 12.88 17.76 -8.22
N THR C 87 12.69 17.72 -6.90
CA THR C 87 13.40 16.79 -6.03
C THR C 87 12.97 15.38 -6.32
N ILE C 88 11.72 15.21 -6.74
CA ILE C 88 11.16 13.90 -7.10
C ILE C 88 11.64 13.43 -8.46
N ILE C 89 11.96 14.40 -9.31
CA ILE C 89 12.49 14.10 -10.64
C ILE C 89 13.95 13.65 -10.49
N ASN C 90 14.66 14.30 -9.58
CA ASN C 90 16.04 13.94 -9.32
C ASN C 90 16.18 12.59 -8.62
N SER C 91 15.33 12.37 -7.62
CA SER C 91 15.27 11.08 -6.92
C SER C 91 15.06 9.92 -7.90
N LEU C 92 14.10 10.09 -8.80
CA LEU C 92 13.77 9.08 -9.81
C LEU C 92 14.93 8.84 -10.79
N MET C 93 15.54 9.93 -11.26
CA MET C 93 16.73 9.85 -12.09
C MET C 93 17.81 9.04 -11.37
N LEU C 94 18.40 9.62 -10.32
CA LEU C 94 19.37 8.97 -9.45
C LEU C 94 19.12 7.48 -9.24
N ARG C 95 17.87 7.09 -9.05
CA ARG C 95 17.57 5.67 -8.88
C ARG C 95 17.91 4.91 -10.17
N GLY C 96 17.61 5.51 -11.32
CA GLY C 96 17.91 4.89 -12.60
C GLY C 96 19.39 4.61 -12.65
N VAL C 97 20.16 5.67 -12.49
CA VAL C 97 21.61 5.59 -12.50
C VAL C 97 22.14 4.60 -11.48
N LEU C 98 21.57 4.62 -10.28
CA LEU C 98 22.02 3.72 -9.21
C LEU C 98 21.77 2.24 -9.56
N THR C 99 20.58 1.94 -10.05
CA THR C 99 20.19 0.58 -10.41
C THR C 99 21.10 -0.02 -11.48
N SER C 100 21.55 0.83 -12.39
CA SER C 100 22.42 0.39 -13.48
C SER C 100 23.74 -0.13 -12.95
N LYS C 101 24.18 0.39 -11.81
CA LYS C 101 25.49 0.07 -11.29
C LYS C 101 25.54 -0.85 -10.11
N THR C 102 24.39 -1.09 -9.52
CA THR C 102 24.31 -1.94 -8.35
C THR C 102 23.32 -3.03 -8.62
N ASN C 103 23.25 -3.98 -7.72
CA ASN C 103 22.28 -5.06 -7.85
C ASN C 103 21.49 -5.02 -6.55
N LYS C 104 21.86 -4.06 -5.71
CA LYS C 104 21.17 -3.77 -4.47
C LYS C 104 19.83 -3.16 -4.86
N GLU C 105 18.87 -3.23 -3.94
CA GLU C 105 17.57 -2.62 -4.16
C GLU C 105 17.63 -1.16 -3.75
N VAL C 106 17.15 -0.29 -4.62
CA VAL C 106 17.07 1.11 -4.28
C VAL C 106 15.62 1.56 -4.37
N ARG C 107 15.10 2.12 -3.28
CA ARG C 107 13.74 2.58 -3.25
C ARG C 107 13.60 4.09 -3.17
N VAL C 108 12.73 4.64 -3.99
CA VAL C 108 12.35 6.05 -3.96
C VAL C 108 11.05 6.18 -3.18
N MET C 109 11.06 7.00 -2.13
CA MET C 109 9.88 7.22 -1.30
C MET C 109 9.58 8.72 -1.30
N THR C 110 8.31 9.06 -1.54
CA THR C 110 7.87 10.46 -1.67
C THR C 110 6.98 10.92 -0.52
N SER C 111 7.10 12.20 -0.19
CA SER C 111 6.29 12.79 0.89
C SER C 111 4.94 13.24 0.36
N ILE C 112 4.82 13.19 -0.96
CA ILE C 112 3.57 13.42 -1.67
C ILE C 112 3.31 12.18 -2.49
N PRO C 113 2.62 11.18 -1.90
CA PRO C 113 2.41 9.89 -2.55
C PRO C 113 1.94 10.04 -3.98
N PHE C 114 2.80 9.61 -4.89
CA PHE C 114 2.56 9.76 -6.32
C PHE C 114 2.16 8.40 -6.83
N ASN C 115 2.57 7.38 -6.09
CA ASN C 115 2.23 5.99 -6.41
C ASN C 115 2.42 5.66 -7.87
N ALA C 116 2.82 4.42 -8.13
CA ALA C 116 3.06 3.97 -9.48
C ALA C 116 4.04 4.92 -10.16
N VAL C 117 4.81 5.63 -9.35
CA VAL C 117 5.86 6.53 -9.81
C VAL C 117 6.93 6.31 -8.74
N ALA C 118 6.48 6.34 -7.49
CA ALA C 118 7.32 6.05 -6.33
C ALA C 118 6.42 5.55 -5.20
N GLU C 119 6.99 4.96 -4.15
CA GLU C 119 6.19 4.54 -3.02
C GLU C 119 5.87 5.70 -2.07
N PRO C 120 4.60 5.81 -1.64
CA PRO C 120 4.30 6.85 -0.65
C PRO C 120 5.23 6.62 0.52
N TYR C 121 5.79 7.69 1.05
CA TYR C 121 6.73 7.55 2.17
C TYR C 121 6.05 7.11 3.44
N ILE C 122 6.59 6.06 4.04
CA ILE C 122 6.11 5.54 5.32
C ILE C 122 7.31 5.14 6.18
N ARG C 123 7.41 5.81 7.31
CA ARG C 123 8.54 5.73 8.21
C ARG C 123 9.05 4.34 8.46
N LEU C 124 8.27 3.56 9.19
CA LEU C 124 8.64 2.20 9.55
C LEU C 124 8.99 1.34 8.33
N ARG C 125 8.37 1.66 7.19
CA ARG C 125 8.69 1.01 5.93
C ARG C 125 10.09 1.42 5.53
N ALA C 126 10.38 2.71 5.69
CA ALA C 126 11.67 3.25 5.31
C ALA C 126 12.75 2.63 6.17
N VAL C 127 12.48 2.56 7.47
CA VAL C 127 13.42 1.95 8.41
C VAL C 127 13.66 0.49 8.04
N HIS C 128 12.57 -0.18 7.70
CA HIS C 128 12.54 -1.57 7.30
C HIS C 128 13.45 -1.88 6.12
N HIS C 129 13.28 -1.09 5.06
CA HIS C 129 14.07 -1.19 3.83
C HIS C 129 15.54 -1.11 4.19
N LEU C 130 15.89 0.02 4.80
CA LEU C 130 17.25 0.30 5.27
C LEU C 130 17.80 -0.88 6.02
N ASP C 131 17.00 -1.41 6.94
CA ASP C 131 17.38 -2.61 7.67
C ASP C 131 17.69 -3.75 6.72
N ASN C 132 16.83 -3.93 5.71
CA ASN C 132 17.01 -5.00 4.72
C ASN C 132 18.17 -4.71 3.76
N GLY C 133 18.86 -3.61 3.97
CA GLY C 133 20.02 -3.25 3.17
C GLY C 133 19.71 -2.57 1.85
N TYR C 134 18.54 -1.96 1.75
CA TYR C 134 18.17 -1.25 0.54
C TYR C 134 18.76 0.14 0.58
N ILE C 135 18.86 0.77 -0.59
CA ILE C 135 19.24 2.17 -0.69
C ILE C 135 17.94 2.90 -0.85
N VAL C 136 17.66 3.85 0.02
CA VAL C 136 16.41 4.59 -0.10
C VAL C 136 16.65 6.03 -0.43
N ILE C 137 15.80 6.56 -1.31
CA ILE C 137 15.90 7.94 -1.76
C ILE C 137 14.61 8.62 -1.42
N PHE C 138 14.73 9.77 -0.77
CA PHE C 138 13.58 10.55 -0.38
C PHE C 138 13.40 11.77 -1.29
N GLY C 139 12.21 11.85 -1.87
CA GLY C 139 11.84 12.95 -2.75
C GLY C 139 10.69 13.77 -2.21
N GLY C 140 10.64 15.03 -2.59
CA GLY C 140 9.58 15.93 -2.18
C GLY C 140 9.84 16.42 -0.78
N GLY C 141 11.08 16.26 -0.34
CA GLY C 141 11.50 16.66 0.97
C GLY C 141 10.57 16.34 2.12
N ASN C 142 10.00 17.39 2.69
CA ASN C 142 9.19 17.42 3.89
C ASN C 142 7.72 17.50 3.52
N GLY C 143 7.45 18.09 2.36
CA GLY C 143 6.11 18.40 1.93
C GLY C 143 5.73 19.79 2.39
N GLN C 144 6.54 20.38 3.27
CA GLN C 144 6.24 21.72 3.79
C GLN C 144 7.01 22.84 3.07
N PRO C 145 6.51 24.07 3.19
CA PRO C 145 7.03 25.32 2.65
C PRO C 145 7.97 26.07 3.59
N PHE C 146 8.58 27.12 3.07
CA PHE C 146 9.45 27.98 3.86
C PHE C 146 10.71 27.25 4.26
N VAL C 147 10.90 26.04 3.74
CA VAL C 147 12.05 25.24 4.17
C VAL C 147 12.95 24.82 3.02
N THR C 148 14.22 24.64 3.35
CA THR C 148 15.27 24.27 2.42
C THR C 148 15.51 22.76 2.51
N THR C 149 16.23 22.24 1.54
CA THR C 149 16.58 20.83 1.53
C THR C 149 17.24 20.38 2.83
N ASP C 150 17.93 21.30 3.51
CA ASP C 150 18.69 21.00 4.73
C ASP C 150 17.79 20.44 5.80
N TYR C 151 16.72 21.16 6.13
CA TYR C 151 15.86 20.77 7.25
C TYR C 151 15.18 19.42 7.17
N PRO C 152 14.46 19.15 6.07
CA PRO C 152 13.78 17.86 5.87
C PRO C 152 14.74 16.73 5.92
N SER C 153 15.94 16.99 5.42
CA SER C 153 16.97 15.96 5.34
C SER C 153 17.48 15.58 6.71
N VAL C 154 17.62 16.56 7.61
CA VAL C 154 18.04 16.21 8.96
C VAL C 154 16.88 15.57 9.69
N GLN C 155 15.67 16.03 9.38
CA GLN C 155 14.48 15.43 9.98
C GLN C 155 14.39 13.95 9.61
N ARG C 156 14.47 13.60 8.32
CA ARG C 156 14.48 12.17 7.91
C ARG C 156 15.65 11.35 8.47
N ALA C 157 16.80 11.99 8.66
CA ALA C 157 17.98 11.35 9.20
C ALA C 157 17.67 10.87 10.62
N ILE C 158 17.05 11.74 11.41
CA ILE C 158 16.67 11.42 12.79
C ILE C 158 15.57 10.38 12.80
N GLU C 159 14.58 10.55 11.91
CA GLU C 159 13.47 9.60 11.79
C GLU C 159 14.00 8.19 11.48
N MET C 160 15.09 8.14 10.72
CA MET C 160 15.59 6.89 10.22
C MET C 160 16.69 6.32 11.11
N ASN C 161 16.80 6.89 12.32
CA ASN C 161 17.79 6.49 13.33
C ASN C 161 19.17 6.50 12.71
N SER C 162 19.49 7.56 11.96
CA SER C 162 20.77 7.63 11.30
C SER C 162 21.88 7.90 12.30
N ASP C 163 23.11 7.50 11.95
CA ASP C 163 24.27 7.72 12.81
C ASP C 163 24.88 9.11 12.58
N ALA C 164 24.77 9.59 11.33
CA ALA C 164 25.35 10.87 10.93
C ALA C 164 24.65 11.36 9.67
N ILE C 165 24.78 12.66 9.39
CA ILE C 165 24.28 13.22 8.16
C ILE C 165 25.48 13.78 7.42
N LEU C 166 25.67 13.34 6.18
CA LEU C 166 26.80 13.82 5.42
C LEU C 166 26.21 14.86 4.49
N VAL C 167 26.65 16.10 4.64
CA VAL C 167 26.14 17.17 3.80
C VAL C 167 27.17 17.51 2.74
N ALA C 168 26.97 16.96 1.56
CA ALA C 168 27.92 17.08 0.46
C ALA C 168 27.96 18.45 -0.19
N LYS C 169 29.16 18.99 -0.24
CA LYS C 169 29.40 20.26 -0.91
C LYS C 169 30.19 19.98 -2.20
N GLN C 170 30.40 21.03 -2.99
CA GLN C 170 31.00 20.91 -4.31
C GLN C 170 32.06 21.98 -4.59
N GLY C 171 33.23 21.83 -3.97
CA GLY C 171 34.30 22.78 -4.22
C GLY C 171 34.71 23.46 -2.93
N VAL C 172 33.81 23.46 -1.96
CA VAL C 172 34.12 24.01 -0.65
C VAL C 172 34.44 22.81 0.24
N ASP C 173 35.65 22.74 0.77
CA ASP C 173 36.09 21.54 1.49
C ASP C 173 35.66 21.36 2.95
N GLY C 174 34.98 22.34 3.53
CA GLY C 174 34.54 22.27 4.90
C GLY C 174 33.84 23.54 5.31
N VAL C 175 33.86 23.84 6.61
CA VAL C 175 33.27 25.08 7.12
C VAL C 175 34.35 26.03 7.64
N PHE C 176 34.38 27.23 7.07
CA PHE C 176 35.41 28.21 7.38
C PHE C 176 34.98 29.31 8.34
N THR C 177 35.97 29.97 8.91
CA THR C 177 35.71 31.09 9.81
C THR C 177 34.89 32.14 9.05
N SER C 178 35.41 32.54 7.89
CA SER C 178 34.71 33.45 6.96
C SER C 178 35.02 33.03 5.50
N ASP C 179 34.12 33.34 4.57
CA ASP C 179 34.25 32.89 3.17
C ASP C 179 35.64 33.06 2.57
N PRO C 180 36.33 31.94 2.29
CA PRO C 180 37.69 31.89 1.74
C PRO C 180 37.78 32.34 0.28
N LYS C 181 36.62 32.34 -0.39
CA LYS C 181 36.53 32.78 -1.79
C LYS C 181 37.01 34.20 -1.89
N HIS C 182 37.55 34.71 -0.79
CA HIS C 182 37.83 36.12 -0.61
C HIS C 182 39.00 36.41 0.31
N ASN C 183 38.73 36.14 1.58
CA ASN C 183 39.59 36.52 2.69
C ASN C 183 40.86 35.71 2.75
N LYS C 184 41.98 36.39 2.55
CA LYS C 184 43.30 35.79 2.58
C LYS C 184 43.29 34.67 3.61
N SER C 185 42.86 35.04 4.81
CA SER C 185 42.90 34.12 5.92
C SER C 185 41.53 33.79 6.52
N ALA C 186 40.93 32.72 6.01
CA ALA C 186 39.74 32.11 6.59
C ALA C 186 40.37 30.79 6.97
N LYS C 187 39.97 30.19 8.08
CA LYS C 187 40.50 28.89 8.43
C LYS C 187 39.30 27.94 8.46
N MET C 188 39.56 26.66 8.26
CA MET C 188 38.47 25.70 8.19
C MET C 188 38.44 25.00 9.53
N TYR C 189 37.23 24.73 10.02
CA TYR C 189 37.07 24.00 11.25
C TYR C 189 37.26 22.51 11.05
N ARG C 190 37.97 21.89 11.98
CA ARG C 190 38.07 20.43 11.97
C ARG C 190 36.79 20.03 12.69
N LYS C 191 36.53 20.72 13.79
CA LYS C 191 35.31 20.53 14.55
C LYS C 191 34.56 21.85 14.76
N LEU C 192 33.24 21.76 14.87
CA LEU C 192 32.38 22.94 14.98
C LEU C 192 31.20 22.61 15.90
N ASN C 193 31.01 23.45 16.91
CA ASN C 193 29.94 23.22 17.85
C ASN C 193 28.66 23.69 17.20
N TYR C 194 27.52 23.21 17.69
CA TYR C 194 26.24 23.67 17.20
C TYR C 194 26.16 25.11 17.67
N ASN C 195 25.69 25.31 18.89
CA ASN C 195 25.64 26.61 19.54
C ASN C 195 26.68 27.61 19.05
N ASP C 196 27.90 27.13 18.77
CA ASP C 196 28.97 27.96 18.21
C ASP C 196 28.66 28.42 16.79
N VAL C 197 27.95 27.61 16.02
CA VAL C 197 27.61 27.99 14.65
C VAL C 197 26.52 29.04 14.66
N VAL C 198 25.60 28.95 15.60
CA VAL C 198 24.51 29.91 15.65
C VAL C 198 24.99 31.21 16.28
N ARG C 199 25.81 31.07 17.32
CA ARG C 199 26.40 32.20 18.03
C ARG C 199 27.07 33.11 17.02
N GLN C 200 28.14 32.61 16.41
CA GLN C 200 28.92 33.37 15.46
C GLN C 200 28.19 33.45 14.13
N ASN C 201 26.85 33.39 14.17
CA ASN C 201 26.00 33.41 13.00
C ASN C 201 26.75 32.86 11.76
N ILE C 202 26.97 31.55 11.73
CA ILE C 202 27.70 30.91 10.62
C ILE C 202 26.70 30.46 9.57
N GLN C 203 27.04 30.64 8.30
CA GLN C 203 26.07 30.41 7.24
C GLN C 203 26.40 29.24 6.38
N VAL C 204 26.12 28.05 6.91
CA VAL C 204 26.49 26.80 6.27
C VAL C 204 25.26 25.98 5.93
N MET C 205 24.39 25.86 6.91
CA MET C 205 23.13 25.18 6.72
C MET C 205 22.04 25.89 7.50
N ASP C 206 20.78 25.71 7.09
CA ASP C 206 19.63 26.29 7.78
C ASP C 206 19.91 26.28 9.29
N GLN C 207 19.42 27.31 9.97
CA GLN C 207 19.52 27.36 11.42
C GLN C 207 18.56 26.31 11.96
N ALA C 208 17.37 26.28 11.37
CA ALA C 208 16.33 25.35 11.81
C ALA C 208 16.80 23.91 11.69
N ALA C 209 17.59 23.62 10.66
CA ALA C 209 18.07 22.25 10.45
C ALA C 209 19.08 21.92 11.53
N LEU C 210 19.99 22.86 11.71
CA LEU C 210 21.08 22.84 12.69
C LEU C 210 20.55 22.62 14.11
N LEU C 211 19.55 23.41 14.49
CA LEU C 211 18.96 23.30 15.81
C LEU C 211 18.46 21.88 16.02
N LEU C 212 17.66 21.40 15.07
CA LEU C 212 17.05 20.07 15.15
C LEU C 212 18.14 19.04 15.34
N ALA C 213 19.15 19.12 14.48
CA ALA C 213 20.27 18.21 14.55
C ALA C 213 20.90 18.27 15.94
N ARG C 214 21.13 19.48 16.44
CA ARG C 214 21.65 19.67 17.78
C ARG C 214 20.71 19.07 18.83
N ASP C 215 19.42 19.38 18.72
CA ASP C 215 18.49 18.85 19.69
C ASP C 215 18.49 17.34 19.79
N TYR C 216 18.73 16.67 18.66
CA TYR C 216 18.66 15.22 18.61
C TYR C 216 19.99 14.53 18.61
N ASN C 217 21.05 15.33 18.67
CA ASN C 217 22.41 14.84 18.62
C ASN C 217 22.84 14.21 17.30
N LEU C 218 22.28 14.65 16.19
CA LEU C 218 22.71 14.15 14.89
C LEU C 218 24.00 14.89 14.54
N PRO C 219 25.05 14.14 14.20
CA PRO C 219 26.30 14.83 13.84
C PRO C 219 26.22 15.15 12.36
N ALA C 220 26.95 16.15 11.92
CA ALA C 220 26.95 16.48 10.50
C ALA C 220 28.36 16.68 9.97
N HIS C 221 28.58 16.29 8.72
CA HIS C 221 29.89 16.43 8.10
C HIS C 221 29.71 17.26 6.85
N VAL C 222 30.44 18.37 6.77
CA VAL C 222 30.40 19.18 5.55
C VAL C 222 31.75 19.00 4.86
N PHE C 223 31.70 18.64 3.59
CA PHE C 223 32.91 18.24 2.91
C PHE C 223 32.81 18.39 1.42
N ASN C 224 33.87 18.04 0.72
CA ASN C 224 33.90 18.12 -0.73
C ASN C 224 33.44 16.86 -1.46
N PHE C 225 32.18 16.85 -1.90
CA PHE C 225 31.64 15.71 -2.63
C PHE C 225 32.36 15.57 -3.97
N ASP C 226 32.78 16.70 -4.52
CA ASP C 226 33.47 16.74 -5.79
C ASP C 226 34.82 16.00 -5.81
N GLU C 227 35.36 15.75 -4.63
CA GLU C 227 36.65 15.07 -4.52
C GLU C 227 36.44 13.59 -4.27
N PRO C 228 36.93 12.77 -5.19
CA PRO C 228 36.73 11.32 -5.11
C PRO C 228 37.28 10.77 -3.80
N GLY C 229 36.51 9.89 -3.17
CA GLY C 229 36.94 9.19 -1.97
C GLY C 229 36.56 9.81 -0.64
N VAL C 230 36.45 11.13 -0.60
CA VAL C 230 36.24 11.75 0.70
C VAL C 230 35.05 11.35 1.56
N MET C 231 33.99 10.83 0.96
CA MET C 231 32.84 10.40 1.76
C MET C 231 33.12 9.05 2.45
N ARG C 232 33.99 8.28 1.82
CA ARG C 232 34.39 6.98 2.32
C ARG C 232 35.34 7.15 3.49
N ARG C 233 36.24 8.13 3.35
CA ARG C 233 37.21 8.41 4.38
C ARG C 233 36.49 8.89 5.63
N ILE C 234 35.45 9.68 5.43
CA ILE C 234 34.65 10.19 6.54
C ILE C 234 33.97 9.03 7.27
N CYS C 235 33.31 8.16 6.50
CA CYS C 235 32.66 6.98 7.10
C CYS C 235 33.67 6.00 7.72
N LEU C 236 34.87 5.95 7.16
CA LEU C 236 35.94 5.07 7.63
C LEU C 236 36.58 5.65 8.88
N GLY C 237 36.16 6.84 9.27
CA GLY C 237 36.63 7.47 10.49
C GLY C 237 37.65 8.57 10.29
N GLU C 238 38.10 8.77 9.06
CA GLU C 238 39.06 9.85 8.81
C GLU C 238 38.51 11.24 9.09
N HIS C 239 39.40 12.15 9.43
CA HIS C 239 39.01 13.52 9.72
C HIS C 239 39.25 14.42 8.52
N VAL C 240 38.30 14.41 7.59
CA VAL C 240 38.40 15.24 6.40
C VAL C 240 37.16 16.12 6.36
N GLY C 241 37.30 17.39 5.97
CA GLY C 241 36.18 18.31 5.97
C GLY C 241 35.86 18.78 7.38
N THR C 242 34.65 19.29 7.61
CA THR C 242 34.25 19.74 8.93
C THR C 242 33.25 18.81 9.64
N LEU C 243 33.42 18.58 10.93
CA LEU C 243 32.47 17.79 11.74
C LEU C 243 31.68 18.66 12.68
N ILE C 244 30.36 18.69 12.55
CA ILE C 244 29.52 19.53 13.41
C ILE C 244 28.88 18.72 14.51
N ASN C 245 29.27 19.03 15.73
CA ASN C 245 29.12 18.18 16.88
C ASN C 245 28.63 19.03 18.02
N ASP C 246 28.55 18.41 19.20
CA ASP C 246 28.42 19.12 20.46
C ASP C 246 29.74 19.05 21.23
N ASP C 247 30.77 18.59 20.52
CA ASP C 247 32.13 18.54 21.05
C ASP C 247 32.50 20.02 21.10
N ALA C 248 33.74 20.37 21.41
CA ALA C 248 34.10 21.78 21.40
C ALA C 248 34.98 22.13 20.22
N SER C 249 34.66 23.26 19.59
CA SER C 249 35.29 23.65 18.32
C SER C 249 36.79 23.58 18.22
N LEU C 250 37.27 23.09 17.08
CA LEU C 250 38.69 23.00 16.78
C LEU C 250 38.93 23.79 15.53
N LEU C 251 40.01 23.46 14.81
CA LEU C 251 40.38 24.23 13.64
C LEU C 251 41.60 23.62 12.95
N VAL C 252 41.52 23.41 11.64
CA VAL C 252 42.63 22.82 10.90
C VAL C 252 43.90 23.61 11.21
N HIS C 253 45.07 23.02 10.95
CA HIS C 253 46.34 23.69 11.25
C HIS C 253 47.30 23.66 10.05
PG ATP D . 1.88 -13.72 0.14
O1G ATP D . 2.53 -14.63 -0.89
O2G ATP D . 1.13 -14.65 1.09
O3G ATP D . 0.91 -12.77 -0.54
PB ATP D . 3.13 -11.34 1.33
O1B ATP D . 4.46 -10.80 0.75
O2B ATP D . 3.21 -11.20 2.89
O3B ATP D . 2.96 -12.89 0.98
PA ATP D . 1.49 -9.51 -0.34
O1A ATP D . 0.94 -10.32 -1.55
O2A ATP D . 2.69 -8.67 -0.82
O3A ATP D . 1.86 -10.52 0.83
O5' ATP D . 0.35 -8.49 0.21
C5' ATP D . -0.50 -8.92 1.30
C4' ATP D . -1.95 -8.77 0.85
O4' ATP D . -2.23 -7.41 0.41
C3' ATP D . -2.42 -9.73 -0.24
O3' ATP D . -2.98 -10.94 0.28
C2' ATP D . -3.45 -8.94 -1.04
O2' ATP D . -4.74 -9.23 -0.47
C1' ATP D . -3.02 -7.47 -0.82
N9 ATP D . -4.06 -6.45 -1.04
C8 ATP D . -5.40 -6.68 -1.26
N7 ATP D . -6.10 -5.57 -1.45
C5 ATP D . -5.16 -4.58 -1.33
C6 ATP D . -5.30 -3.19 -1.43
N6 ATP D . -6.52 -2.62 -1.68
N1 ATP D . -4.18 -2.42 -1.26
C2 ATP D . -2.98 -3.02 -1.01
N3 ATP D . -2.75 -4.34 -0.90
C4 ATP D . -3.89 -5.08 -1.08
PG ATP E . 7.98 -8.43 7.60
O1G ATP E . 7.07 -9.44 8.29
O2G ATP E . 9.39 -8.62 8.14
O3G ATP E . 7.50 -7.04 7.98
PB ATP E . 7.10 -8.03 4.84
O1B ATP E . 6.10 -9.07 4.26
O2B ATP E . 8.02 -7.54 3.70
O3B ATP E . 7.96 -8.66 6.02
PA ATP E . 4.82 -6.36 5.29
O1A ATP E . 4.09 -6.66 6.63
O2A ATP E . 4.12 -7.14 4.14
O3A ATP E . 6.32 -6.79 5.43
O5' ATP E . 4.84 -4.76 5.01
C5' ATP E . 6.09 -4.08 5.22
C4' ATP E . 5.99 -2.92 6.23
O4' ATP E . 4.93 -1.96 5.96
C3' ATP E . 5.94 -3.29 7.73
O3' ATP E . 7.22 -3.20 8.35
C2' ATP E . 4.88 -2.41 8.37
O2' ATP E . 5.46 -1.40 9.21
C1' ATP E . 4.10 -1.84 7.16
N9 ATP E . 3.38 -0.58 7.31
C8 ATP E . 3.36 0.26 8.40
N7 ATP E . 2.57 1.31 8.21
C5 ATP E . 2.04 1.15 6.94
C6 ATP E . 1.13 1.92 6.15
N6 ATP E . 0.57 3.10 6.56
N1 ATP E . 0.81 1.46 4.91
C2 ATP E . 1.36 0.30 4.47
N3 ATP E . 2.22 -0.51 5.12
C4 ATP E . 2.52 -0.03 6.37
PG ATP F . 11.05 -7.99 -2.28
O1G ATP F . 12.50 -8.29 -1.97
O2G ATP F . 10.33 -9.29 -2.65
O3G ATP F . 11.02 -7.01 -3.45
PB ATP F . 8.85 -7.29 -0.52
O1B ATP F . 8.77 -6.95 0.99
O2B ATP F . 8.04 -8.58 -0.83
O3B ATP F . 10.37 -7.39 -0.98
PA ATP F . 7.05 -5.21 -0.95
O1A ATP F . 7.86 -4.06 -0.35
O2A ATP F . 6.12 -5.85 0.11
O3A ATP F . 8.18 -6.18 -1.39
O5' ATP F . 6.27 -4.76 -2.30
C5' ATP F . 6.89 -5.20 -3.51
C4' ATP F . 6.95 -4.16 -4.65
O4' ATP F . 6.13 -2.96 -4.48
C3' ATP F . 8.34 -3.74 -5.10
O3' ATP F . 8.52 -3.90 -6.50
C2' ATP F . 8.47 -2.27 -4.71
O2' ATP F . 9.14 -1.61 -5.81
C1' ATP F . 7.02 -1.80 -4.42
N9 ATP F . 6.51 -0.57 -5.05
C8 ATP F . 6.93 0.02 -6.21
N7 ATP F . 6.28 1.13 -6.51
C5 ATP F . 5.37 1.29 -5.49
C6 ATP F . 4.39 2.27 -5.24
N6 ATP F . 4.16 3.34 -6.06
N1 ATP F . 3.62 2.17 -4.14
C2 ATP F . 3.83 1.11 -3.33
N3 ATP F . 4.73 0.12 -3.46
C4 ATP F . 5.48 0.26 -4.58
MG MG G . 4.21 -6.32 1.21
#